data_6ZL6
#
_entry.id   6ZL6
#
_cell.length_a   42.482
_cell.length_b   58.560
_cell.length_c   64.904
_cell.angle_alpha   96.770
_cell.angle_beta   98.410
_cell.angle_gamma   110.300
#
_symmetry.space_group_name_H-M   'P 1'
#
loop_
_entity.id
_entity.type
_entity.pdbx_description
1 polymer 'Epimerase domain-containing protein'
2 non-polymer "URIDINE-5'-DIPHOSPHATE"
3 non-polymer NICOTINAMIDE-ADENINE-DINUCLEOTIDE
4 water water
#
_entity_poly.entity_id   1
_entity_poly.type   'polypeptide(L)'
_entity_poly.pdbx_seq_one_letter_code
;MKILVTGAAGFIGSHLCQALLKNSAYHVVGIDHFIGPTPATLKTGNIQSLELNSRFQFIREDILNTDLSKLLQDIDVVYH
LAAIPGVRTSWGKDFQPYVTNNIMVTQQLLEACKHIKLDKFIHISTSSVYGEKSGAVSEDLLPIPLSPYGVTKLSGEHLC
HVYHKNFHIPIVILRYFTVYGPRQRPDMAFHRLIKQMLEDKPLTIFGDGTQTRDFTYIDDCIRGTVAALETKKNIIGEVI
NIGGKEQASILDIISMLEKISGKSATKNFLKSVPGEPKQTWADISKASTLLQYSPTVSLSDGLEAEYDYIKQLYKGDAAW
SHPQFEK
;
_entity_poly.pdbx_strand_id   A,B
#
loop_
_chem_comp.id
_chem_comp.type
_chem_comp.name
_chem_comp.formula
NAD non-polymer NICOTINAMIDE-ADENINE-DINUCLEOTIDE 'C21 H27 N7 O14 P2'
UDP RNA linking URIDINE-5'-DIPHOSPHATE 'C9 H14 N2 O12 P2'
#
# COMPACT_ATOMS: atom_id res chain seq x y z
N MET A 1 -25.08 -19.22 11.53
CA MET A 1 -23.71 -18.71 11.73
C MET A 1 -23.76 -17.24 12.16
N LYS A 2 -22.67 -16.74 12.72
CA LYS A 2 -22.61 -15.35 13.22
C LYS A 2 -21.70 -14.57 12.25
N ILE A 3 -22.18 -13.47 11.72
CA ILE A 3 -21.42 -12.71 10.67
C ILE A 3 -21.15 -11.30 11.21
N LEU A 4 -19.89 -10.89 11.18
CA LEU A 4 -19.50 -9.51 11.50
C LEU A 4 -19.47 -8.71 10.20
N VAL A 5 -20.15 -7.57 10.19
CA VAL A 5 -20.08 -6.64 9.04
C VAL A 5 -19.50 -5.35 9.57
N THR A 6 -18.30 -5.01 9.12
CA THR A 6 -17.74 -3.70 9.49
C THR A 6 -18.28 -2.65 8.51
N GLY A 7 -18.43 -1.42 8.99
CA GLY A 7 -19.05 -0.34 8.22
C GLY A 7 -20.51 -0.65 7.94
N ALA A 8 -21.21 -1.25 8.90
CA ALA A 8 -22.60 -1.76 8.75
C ALA A 8 -23.59 -0.61 8.61
N ALA A 9 -23.24 0.63 8.96
CA ALA A 9 -24.19 1.76 8.87
C ALA A 9 -24.02 2.53 7.58
N GLY A 10 -23.03 2.15 6.77
CA GLY A 10 -22.77 2.81 5.50
C GLY A 10 -23.76 2.40 4.41
N PHE A 11 -23.51 2.96 3.23
CA PHE A 11 -24.30 2.75 1.99
C PHE A 11 -24.40 1.22 1.75
N ILE A 12 -23.27 0.58 1.44
CA ILE A 12 -23.30 -0.85 1.02
C ILE A 12 -23.51 -1.76 2.23
N GLY A 13 -22.82 -1.47 3.33
CA GLY A 13 -22.91 -2.26 4.57
C GLY A 13 -24.34 -2.40 5.06
N SER A 14 -25.12 -1.32 5.01
CA SER A 14 -26.51 -1.37 5.57
C SER A 14 -27.36 -2.32 4.70
N HIS A 15 -27.21 -2.22 3.39
CA HIS A 15 -27.92 -3.12 2.46
C HIS A 15 -27.49 -4.56 2.67
N LEU A 16 -26.20 -4.78 2.87
CA LEU A 16 -25.67 -6.15 3.03
C LEU A 16 -26.25 -6.77 4.29
N CYS A 17 -26.25 -6.05 5.40
CA CYS A 17 -26.87 -6.53 6.66
C CYS A 17 -28.31 -6.97 6.41
N GLN A 18 -29.09 -6.12 5.75
CA GLN A 18 -30.52 -6.37 5.45
C GLN A 18 -30.64 -7.65 4.64
N ALA A 19 -29.79 -7.87 3.64
CA ALA A 19 -29.86 -9.06 2.78
C ALA A 19 -29.52 -10.32 3.58
N LEU A 20 -28.48 -10.27 4.43
CA LEU A 20 -28.09 -11.43 5.26
C LEU A 20 -29.24 -11.78 6.21
N LEU A 21 -29.92 -10.80 6.77
CA LEU A 21 -30.96 -11.07 7.80
C LEU A 21 -32.24 -11.65 7.17
N LYS A 22 -32.35 -11.70 5.84
CA LYS A 22 -33.44 -12.48 5.15
C LYS A 22 -33.27 -13.98 5.42
N ASN A 23 -32.06 -14.49 5.64
CA ASN A 23 -31.81 -15.90 6.04
C ASN A 23 -31.96 -16.04 7.55
N SER A 24 -33.00 -16.75 8.02
CA SER A 24 -33.35 -16.88 9.46
C SER A 24 -32.21 -17.59 10.22
N ALA A 25 -31.36 -18.35 9.55
CA ALA A 25 -30.21 -19.07 10.15
C ALA A 25 -29.00 -18.14 10.37
N TYR A 26 -29.07 -16.86 10.00
CA TYR A 26 -27.96 -15.89 10.13
C TYR A 26 -28.22 -14.91 11.26
N HIS A 27 -27.16 -14.65 12.03
CA HIS A 27 -27.11 -13.55 13.02
C HIS A 27 -26.02 -12.58 12.58
N VAL A 28 -26.28 -11.29 12.63
CA VAL A 28 -25.33 -10.27 12.17
C VAL A 28 -24.91 -9.38 13.33
N VAL A 29 -23.61 -9.13 13.43
CA VAL A 29 -23.03 -8.07 14.29
C VAL A 29 -22.52 -7.00 13.34
N GLY A 30 -23.03 -5.77 13.47
CA GLY A 30 -22.58 -4.62 12.68
C GLY A 30 -21.78 -3.66 13.56
N ILE A 31 -20.64 -3.17 13.07
CA ILE A 31 -19.86 -2.14 13.79
C ILE A 31 -19.65 -0.97 12.84
N ASP A 32 -19.88 0.24 13.35
CA ASP A 32 -19.75 1.46 12.54
C ASP A 32 -19.51 2.64 13.48
N HIS A 33 -18.51 3.46 13.19
CA HIS A 33 -18.09 4.61 14.03
C HIS A 33 -18.74 5.91 13.49
N PHE A 34 -19.58 5.85 12.43
CA PHE A 34 -20.28 7.03 11.85
C PHE A 34 -19.28 8.12 11.43
N ILE A 35 -18.29 7.76 10.61
CA ILE A 35 -17.28 8.71 10.07
C ILE A 35 -17.33 8.63 8.54
N GLY A 36 -16.45 9.37 7.88
CA GLY A 36 -16.45 9.50 6.42
C GLY A 36 -17.39 10.61 5.94
N PRO A 37 -17.71 10.59 4.64
CA PRO A 37 -18.47 11.66 4.02
C PRO A 37 -19.96 11.75 4.35
N THR A 38 -20.56 10.69 4.84
CA THR A 38 -22.01 10.69 5.04
C THR A 38 -22.33 11.26 6.42
N PRO A 39 -23.23 12.25 6.54
CA PRO A 39 -23.69 12.74 7.83
C PRO A 39 -24.36 11.64 8.67
N ALA A 40 -24.16 11.73 9.97
CA ALA A 40 -24.71 10.76 10.93
C ALA A 40 -26.24 10.62 10.72
N THR A 41 -26.94 11.70 10.42
CA THR A 41 -28.42 11.66 10.26
C THR A 41 -28.79 10.63 9.20
N LEU A 42 -28.04 10.61 8.09
CA LEU A 42 -28.32 9.65 7.00
C LEU A 42 -28.01 8.22 7.45
N LYS A 43 -26.91 8.02 8.21
CA LYS A 43 -26.52 6.67 8.68
C LYS A 43 -27.56 6.15 9.66
N THR A 44 -28.08 7.02 10.52
CA THR A 44 -29.17 6.61 11.43
C THR A 44 -30.30 6.05 10.57
N GLY A 45 -30.69 6.76 9.50
CA GLY A 45 -31.75 6.29 8.57
C GLY A 45 -31.38 4.96 7.92
N ASN A 46 -30.09 4.73 7.66
CA ASN A 46 -29.63 3.48 7.00
C ASN A 46 -29.90 2.27 7.90
N ILE A 47 -29.88 2.44 9.23
CA ILE A 47 -29.87 1.28 10.17
C ILE A 47 -31.18 1.22 10.96
N GLN A 48 -32.15 2.08 10.72
CA GLN A 48 -33.35 2.10 11.60
C GLN A 48 -34.10 0.77 11.50
N SER A 49 -34.29 0.23 10.29
CA SER A 49 -34.95 -1.08 10.11
C SER A 49 -34.12 -2.21 10.71
N LEU A 50 -32.80 -2.22 10.46
CA LEU A 50 -31.87 -3.22 11.03
C LEU A 50 -31.97 -3.29 12.55
N GLU A 51 -31.99 -2.15 13.24
CA GLU A 51 -31.96 -2.14 14.72
C GLU A 51 -33.22 -2.78 15.30
N LEU A 52 -34.33 -2.83 14.54
CA LEU A 52 -35.58 -3.52 14.98
C LEU A 52 -35.40 -5.04 14.95
N ASN A 53 -34.44 -5.57 14.16
CA ASN A 53 -34.31 -7.04 13.95
C ASN A 53 -33.57 -7.64 15.13
N SER A 54 -34.13 -8.68 15.75
CA SER A 54 -33.58 -9.27 17.00
C SER A 54 -32.30 -10.03 16.69
N ARG A 55 -32.01 -10.32 15.41
CA ARG A 55 -30.80 -11.06 15.02
C ARG A 55 -29.68 -10.11 14.56
N PHE A 56 -29.86 -8.81 14.75
CA PHE A 56 -28.85 -7.76 14.46
C PHE A 56 -28.38 -7.14 15.77
N GLN A 57 -27.07 -7.16 16.05
CA GLN A 57 -26.44 -6.39 17.16
C GLN A 57 -25.66 -5.24 16.53
N PHE A 58 -25.89 -4.00 16.96
CA PHE A 58 -25.18 -2.81 16.42
C PHE A 58 -24.17 -2.31 17.47
N ILE A 59 -22.94 -2.05 17.05
CA ILE A 59 -21.84 -1.50 17.91
C ILE A 59 -21.37 -0.21 17.25
N ARG A 60 -21.65 0.95 17.85
CA ARG A 60 -21.20 2.27 17.33
C ARG A 60 -19.86 2.53 18.01
N GLU A 61 -18.78 1.95 17.50
CA GLU A 61 -17.42 2.13 18.05
C GLU A 61 -16.43 2.16 16.89
N ASP A 62 -15.32 2.85 17.13
CA ASP A 62 -14.14 2.80 16.23
C ASP A 62 -13.52 1.40 16.34
N ILE A 63 -13.28 0.73 15.22
CA ILE A 63 -12.63 -0.62 15.20
C ILE A 63 -11.26 -0.51 15.89
N LEU A 64 -10.58 0.64 15.80
CA LEU A 64 -9.24 0.84 16.43
C LEU A 64 -9.33 1.04 17.96
N ASN A 65 -10.50 1.25 18.53
CA ASN A 65 -10.61 1.32 20.02
C ASN A 65 -11.39 0.12 20.58
N THR A 66 -12.14 -0.57 19.76
CA THR A 66 -13.11 -1.56 20.29
C THR A 66 -12.33 -2.78 20.80
N ASP A 67 -12.97 -3.58 21.63
CA ASP A 67 -12.41 -4.86 22.11
C ASP A 67 -12.58 -5.91 21.02
N LEU A 68 -11.50 -6.20 20.26
CA LEU A 68 -11.61 -7.00 19.01
C LEU A 68 -11.78 -8.48 19.38
N SER A 69 -11.28 -8.91 20.55
CA SER A 69 -11.56 -10.25 21.13
C SER A 69 -13.07 -10.44 21.32
N LYS A 70 -13.71 -9.46 21.95
CA LYS A 70 -15.18 -9.45 22.17
C LYS A 70 -15.88 -9.40 20.82
N LEU A 71 -15.43 -8.52 19.94
CA LEU A 71 -16.09 -8.32 18.62
C LEU A 71 -16.08 -9.62 17.81
N LEU A 72 -14.97 -10.38 17.82
CA LEU A 72 -14.77 -11.52 16.88
C LEU A 72 -15.13 -12.87 17.51
N GLN A 73 -15.56 -12.85 18.77
CA GLN A 73 -15.86 -14.09 19.54
C GLN A 73 -16.99 -14.83 18.84
N ASP A 74 -16.71 -16.07 18.46
CA ASP A 74 -17.62 -17.03 17.78
C ASP A 74 -18.12 -16.43 16.47
N ILE A 75 -17.37 -15.50 15.86
CA ILE A 75 -17.70 -15.07 14.49
C ILE A 75 -17.24 -16.16 13.52
N ASP A 76 -18.12 -16.50 12.58
CA ASP A 76 -17.89 -17.47 11.50
C ASP A 76 -17.37 -16.76 10.24
N VAL A 77 -17.94 -15.61 9.93
CA VAL A 77 -17.61 -14.86 8.66
C VAL A 77 -17.45 -13.38 8.99
N VAL A 78 -16.44 -12.76 8.40
CA VAL A 78 -16.23 -11.30 8.47
C VAL A 78 -16.48 -10.75 7.07
N TYR A 79 -17.35 -9.75 6.97
CA TYR A 79 -17.43 -8.83 5.83
C TYR A 79 -16.79 -7.51 6.25
N HIS A 80 -15.68 -7.14 5.64
CA HIS A 80 -14.94 -5.93 6.08
C HIS A 80 -15.19 -4.86 5.03
N LEU A 81 -16.15 -3.99 5.29
CA LEU A 81 -16.49 -2.87 4.38
C LEU A 81 -16.05 -1.54 4.99
N ALA A 82 -15.69 -1.47 6.27
CA ALA A 82 -15.33 -0.19 6.89
C ALA A 82 -14.14 0.40 6.14
N ALA A 83 -14.25 1.66 5.79
CA ALA A 83 -13.18 2.41 5.08
C ALA A 83 -13.59 3.87 5.04
N ILE A 84 -12.66 4.74 4.65
CA ILE A 84 -12.92 6.14 4.25
C ILE A 84 -12.77 6.14 2.74
N PRO A 85 -13.86 6.45 2.02
CA PRO A 85 -13.84 6.53 0.56
C PRO A 85 -13.63 7.99 0.16
N GLY A 86 -13.48 8.29 -1.13
CA GLY A 86 -13.34 9.67 -1.63
C GLY A 86 -11.98 9.95 -2.25
N VAL A 87 -11.95 10.16 -3.56
CA VAL A 87 -10.71 10.51 -4.31
C VAL A 87 -10.24 11.92 -3.97
N ARG A 88 -11.10 12.94 -4.02
CA ARG A 88 -10.67 14.36 -3.95
C ARG A 88 -10.07 14.65 -2.60
N THR A 89 -10.75 14.21 -1.54
CA THR A 89 -10.38 14.57 -0.18
C THR A 89 -9.23 13.69 0.27
N SER A 90 -8.53 12.98 -0.63
CA SER A 90 -7.45 12.07 -0.19
C SER A 90 -6.07 12.74 -0.31
N TRP A 91 -6.01 14.01 -0.66
CA TRP A 91 -4.73 14.76 -0.79
C TRP A 91 -4.42 15.53 0.50
N GLY A 92 -3.15 15.91 0.65
CA GLY A 92 -2.62 16.75 1.74
C GLY A 92 -3.03 16.28 3.13
N LYS A 93 -3.56 17.18 3.96
CA LYS A 93 -3.81 16.86 5.39
C LYS A 93 -5.01 15.90 5.50
N ASP A 94 -5.82 15.77 4.46
CA ASP A 94 -6.98 14.87 4.44
C ASP A 94 -6.51 13.40 4.31
N PHE A 95 -5.23 13.12 4.02
CA PHE A 95 -4.77 11.74 3.76
C PHE A 95 -4.72 10.88 5.03
N GLN A 96 -4.29 11.43 6.17
CA GLN A 96 -4.10 10.64 7.42
C GLN A 96 -5.32 9.75 7.70
N PRO A 97 -6.58 10.22 7.70
CA PRO A 97 -7.72 9.34 7.97
C PRO A 97 -7.84 8.13 7.02
N TYR A 98 -7.40 8.27 5.77
CA TYR A 98 -7.38 7.13 4.81
C TYR A 98 -6.38 6.07 5.30
N VAL A 99 -5.22 6.52 5.75
CA VAL A 99 -4.18 5.60 6.25
C VAL A 99 -4.70 4.91 7.51
N THR A 100 -5.20 5.68 8.46
CA THR A 100 -5.72 5.13 9.74
C THR A 100 -6.88 4.13 9.50
N ASN A 101 -7.87 4.52 8.70
CA ASN A 101 -9.14 3.73 8.56
C ASN A 101 -9.10 2.69 7.44
N ASN A 102 -8.19 2.81 6.45
CA ASN A 102 -8.09 1.84 5.34
C ASN A 102 -6.91 0.90 5.60
N ILE A 103 -5.83 1.33 6.25
CA ILE A 103 -4.65 0.45 6.42
C ILE A 103 -4.63 -0.07 7.86
N MET A 104 -4.58 0.81 8.85
CA MET A 104 -4.40 0.35 10.24
C MET A 104 -5.62 -0.49 10.65
N VAL A 105 -6.82 -0.06 10.32
CA VAL A 105 -8.03 -0.87 10.66
C VAL A 105 -7.92 -2.27 10.08
N THR A 106 -7.53 -2.40 8.81
CA THR A 106 -7.45 -3.73 8.14
C THR A 106 -6.41 -4.58 8.88
N GLN A 107 -5.24 -4.02 9.22
CA GLN A 107 -4.16 -4.81 9.90
C GLN A 107 -4.69 -5.27 11.26
N GLN A 108 -5.38 -4.41 11.99
CA GLN A 108 -5.78 -4.73 13.39
C GLN A 108 -6.90 -5.78 13.38
N LEU A 109 -7.80 -5.74 12.40
CA LEU A 109 -8.82 -6.80 12.22
C LEU A 109 -8.13 -8.11 11.86
N LEU A 110 -7.23 -8.11 10.91
CA LEU A 110 -6.57 -9.36 10.46
C LEU A 110 -5.79 -9.98 11.65
N GLU A 111 -5.05 -9.16 12.42
CA GLU A 111 -4.36 -9.61 13.64
C GLU A 111 -5.33 -10.32 14.58
N ALA A 112 -6.48 -9.71 14.85
CA ALA A 112 -7.51 -10.24 15.76
C ALA A 112 -8.09 -11.56 15.21
N CYS A 113 -8.06 -11.79 13.90
CA CYS A 113 -8.63 -13.02 13.25
C CYS A 113 -7.65 -14.19 13.27
N LYS A 114 -6.42 -14.02 13.74
CA LYS A 114 -5.36 -15.07 13.61
C LYS A 114 -5.72 -16.36 14.37
N HIS A 115 -6.27 -16.26 15.57
CA HIS A 115 -6.59 -17.44 16.43
C HIS A 115 -8.10 -17.76 16.39
N ILE A 116 -8.86 -17.08 15.53
CA ILE A 116 -10.33 -17.28 15.38
C ILE A 116 -10.45 -18.37 14.33
N LYS A 117 -11.54 -19.11 14.27
CA LYS A 117 -11.68 -20.15 13.22
C LYS A 117 -12.67 -19.68 12.16
N LEU A 118 -12.34 -18.69 11.33
CA LEU A 118 -13.31 -18.14 10.36
C LEU A 118 -13.49 -19.15 9.24
N ASP A 119 -14.69 -19.17 8.68
CA ASP A 119 -14.94 -19.79 7.36
C ASP A 119 -14.34 -18.87 6.31
N LYS A 120 -14.61 -17.57 6.40
CA LYS A 120 -14.21 -16.57 5.36
C LYS A 120 -14.00 -15.19 6.00
N PHE A 121 -13.01 -14.48 5.46
CA PHE A 121 -12.77 -13.03 5.70
C PHE A 121 -12.97 -12.32 4.38
N ILE A 122 -14.12 -11.74 4.17
CA ILE A 122 -14.47 -11.20 2.83
C ILE A 122 -14.18 -9.71 2.84
N HIS A 123 -13.10 -9.32 2.17
CA HIS A 123 -12.51 -7.97 2.21
C HIS A 123 -13.02 -7.21 0.99
N ILE A 124 -13.67 -6.08 1.22
CA ILE A 124 -14.25 -5.26 0.14
C ILE A 124 -13.19 -4.21 -0.23
N SER A 125 -12.82 -4.25 -1.50
CA SER A 125 -11.91 -3.26 -2.10
C SER A 125 -12.59 -2.62 -3.32
N THR A 126 -11.84 -1.99 -4.22
CA THR A 126 -12.38 -1.01 -5.15
C THR A 126 -11.67 -1.12 -6.50
N SER A 127 -12.39 -0.80 -7.56
CA SER A 127 -11.84 -0.60 -8.92
C SER A 127 -10.79 0.53 -8.92
N SER A 128 -10.77 1.41 -7.90
CA SER A 128 -9.77 2.50 -7.79
C SER A 128 -8.34 1.95 -7.68
N VAL A 129 -8.14 0.68 -7.29
CA VAL A 129 -6.75 0.15 -7.21
C VAL A 129 -6.17 0.09 -8.62
N TYR A 130 -6.99 -0.02 -9.66
CA TYR A 130 -6.50 -0.31 -11.02
C TYR A 130 -5.80 0.94 -11.54
N GLY A 131 -6.33 2.11 -11.20
CA GLY A 131 -5.94 3.38 -11.82
C GLY A 131 -6.54 3.50 -13.20
N GLU A 132 -5.74 4.00 -14.14
CA GLU A 132 -6.14 4.36 -15.53
C GLU A 132 -5.81 3.19 -16.44
N LYS A 133 -6.82 2.47 -16.88
CA LYS A 133 -6.64 1.29 -17.77
C LYS A 133 -7.69 1.33 -18.87
N SER A 134 -7.28 0.75 -19.99
CA SER A 134 -8.06 0.57 -21.22
C SER A 134 -8.65 -0.85 -21.27
N GLY A 135 -9.86 -0.95 -21.82
CA GLY A 135 -10.60 -2.21 -22.00
C GLY A 135 -11.20 -2.65 -20.68
N ALA A 136 -11.84 -3.81 -20.66
CA ALA A 136 -12.40 -4.40 -19.43
C ALA A 136 -11.23 -4.95 -18.62
N VAL A 137 -11.11 -4.57 -17.33
CA VAL A 137 -9.95 -4.96 -16.50
C VAL A 137 -10.25 -6.29 -15.79
N SER A 138 -9.32 -7.23 -15.90
CA SER A 138 -9.33 -8.53 -15.21
C SER A 138 -8.48 -8.40 -13.93
N GLU A 139 -8.69 -9.33 -13.01
CA GLU A 139 -8.12 -9.26 -11.65
C GLU A 139 -6.63 -9.60 -11.63
N ASP A 140 -6.05 -10.12 -12.75
CA ASP A 140 -4.61 -10.44 -12.84
C ASP A 140 -3.81 -9.25 -13.36
N LEU A 141 -4.46 -8.11 -13.62
CA LEU A 141 -3.80 -6.91 -14.18
C LEU A 141 -3.01 -6.16 -13.10
N LEU A 142 -1.82 -5.66 -13.42
CA LEU A 142 -0.94 -4.91 -12.49
C LEU A 142 -1.64 -3.62 -12.07
N PRO A 143 -2.05 -3.47 -10.78
CA PRO A 143 -2.72 -2.26 -10.34
C PRO A 143 -1.73 -1.10 -10.20
N ILE A 144 -2.06 0.06 -10.76
CA ILE A 144 -1.31 1.32 -10.53
C ILE A 144 -2.30 2.40 -10.17
N PRO A 145 -2.61 2.55 -8.86
CA PRO A 145 -3.58 3.54 -8.42
C PRO A 145 -3.20 4.96 -8.91
N LEU A 146 -4.23 5.77 -9.13
CA LEU A 146 -4.07 7.20 -9.53
C LEU A 146 -4.33 8.14 -8.36
N SER A 147 -4.93 7.67 -7.26
CA SER A 147 -5.29 8.53 -6.11
C SER A 147 -4.68 7.97 -4.83
N PRO A 148 -4.42 8.83 -3.82
CA PRO A 148 -4.04 8.33 -2.50
C PRO A 148 -5.07 7.37 -1.90
N TYR A 149 -6.37 7.62 -2.10
CA TYR A 149 -7.46 6.69 -1.73
C TYR A 149 -7.17 5.30 -2.29
N GLY A 150 -7.00 5.21 -3.61
CA GLY A 150 -6.70 3.92 -4.27
C GLY A 150 -5.45 3.24 -3.69
N VAL A 151 -4.38 3.99 -3.44
CA VAL A 151 -3.18 3.43 -2.78
C VAL A 151 -3.58 2.77 -1.42
N THR A 152 -4.33 3.46 -0.56
CA THR A 152 -4.65 2.92 0.80
C THR A 152 -5.53 1.66 0.66
N LYS A 153 -6.45 1.60 -0.29
CA LYS A 153 -7.30 0.43 -0.52
C LYS A 153 -6.42 -0.73 -1.00
N LEU A 154 -5.46 -0.44 -1.89
CA LEU A 154 -4.58 -1.50 -2.38
C LEU A 154 -3.71 -2.01 -1.23
N SER A 155 -3.27 -1.13 -0.32
CA SER A 155 -2.46 -1.59 0.85
C SER A 155 -3.29 -2.55 1.70
N GLY A 156 -4.59 -2.28 1.84
CA GLY A 156 -5.54 -3.18 2.53
C GLY A 156 -5.57 -4.58 1.92
N GLU A 157 -5.68 -4.66 0.61
CA GLU A 157 -5.70 -5.94 -0.12
C GLU A 157 -4.39 -6.66 0.18
N HIS A 158 -3.27 -5.95 0.13
CA HIS A 158 -1.92 -6.53 0.31
C HIS A 158 -1.81 -7.08 1.73
N LEU A 159 -2.35 -6.38 2.73
CA LEU A 159 -2.34 -6.93 4.11
C LEU A 159 -3.14 -8.23 4.11
N CYS A 160 -4.28 -8.29 3.39
CA CYS A 160 -5.10 -9.55 3.32
C CYS A 160 -4.24 -10.72 2.82
N HIS A 161 -3.54 -10.55 1.70
CA HIS A 161 -2.59 -11.54 1.14
C HIS A 161 -1.53 -11.93 2.18
N VAL A 162 -0.94 -10.96 2.89
CA VAL A 162 0.08 -11.22 3.95
C VAL A 162 -0.50 -12.16 5.03
N TYR A 163 -1.67 -11.83 5.57
CA TYR A 163 -2.26 -12.61 6.67
C TYR A 163 -2.79 -13.97 6.17
N HIS A 164 -3.30 -14.04 4.93
CA HIS A 164 -3.66 -15.31 4.26
C HIS A 164 -2.41 -16.20 4.26
N LYS A 165 -1.32 -15.76 3.64
CA LYS A 165 -0.21 -16.69 3.33
C LYS A 165 0.50 -17.09 4.61
N ASN A 166 0.59 -16.21 5.61
CA ASN A 166 1.37 -16.43 6.83
C ASN A 166 0.52 -17.13 7.89
N PHE A 167 -0.76 -16.78 8.02
CA PHE A 167 -1.58 -17.18 9.18
C PHE A 167 -2.85 -17.91 8.74
N HIS A 168 -3.00 -18.17 7.45
CA HIS A 168 -4.12 -18.95 6.84
C HIS A 168 -5.47 -18.30 7.16
N ILE A 169 -5.52 -16.96 7.29
CA ILE A 169 -6.82 -16.24 7.38
C ILE A 169 -7.49 -16.42 6.02
N PRO A 170 -8.71 -16.98 5.95
CA PRO A 170 -9.34 -17.37 4.68
C PRO A 170 -9.94 -16.18 3.92
N ILE A 171 -9.05 -15.38 3.33
CA ILE A 171 -9.45 -14.08 2.72
C ILE A 171 -10.05 -14.35 1.35
N VAL A 172 -10.98 -13.49 0.98
CA VAL A 172 -11.56 -13.36 -0.38
C VAL A 172 -11.59 -11.85 -0.60
N ILE A 173 -11.13 -11.35 -1.74
CA ILE A 173 -11.20 -9.88 -2.02
C ILE A 173 -12.25 -9.64 -3.11
N LEU A 174 -13.23 -8.79 -2.84
CA LEU A 174 -14.18 -8.28 -3.86
C LEU A 174 -13.76 -6.86 -4.24
N ARG A 175 -13.60 -6.58 -5.54
CA ARG A 175 -13.35 -5.22 -6.07
C ARG A 175 -14.66 -4.71 -6.66
N TYR A 176 -15.30 -3.82 -5.92
CA TYR A 176 -16.51 -3.16 -6.43
C TYR A 176 -16.16 -2.05 -7.41
N PHE A 177 -17.07 -1.86 -8.38
CA PHE A 177 -17.05 -0.78 -9.40
C PHE A 177 -18.29 0.14 -9.20
N THR A 178 -17.98 1.38 -8.94
CA THR A 178 -18.95 2.48 -8.68
C THR A 178 -20.38 1.99 -8.44
N VAL A 179 -20.72 1.80 -7.18
CA VAL A 179 -22.05 1.30 -6.75
C VAL A 179 -22.99 2.48 -6.52
N TYR A 180 -24.24 2.33 -6.96
CA TYR A 180 -25.25 3.38 -6.85
C TYR A 180 -26.58 2.74 -6.46
N GLY A 181 -27.53 3.62 -6.15
CA GLY A 181 -28.88 3.24 -5.77
C GLY A 181 -29.34 3.95 -4.51
N PRO A 182 -30.46 3.49 -3.94
CA PRO A 182 -30.91 3.99 -2.65
C PRO A 182 -29.79 3.90 -1.60
N ARG A 183 -29.69 4.96 -0.79
CA ARG A 183 -28.72 5.11 0.32
C ARG A 183 -27.33 5.41 -0.23
N GLN A 184 -27.19 5.68 -1.53
CA GLN A 184 -25.86 6.08 -2.04
C GLN A 184 -25.33 7.25 -1.18
N ARG A 185 -24.03 7.28 -0.91
CA ARG A 185 -23.40 8.36 -0.12
C ARG A 185 -23.58 9.71 -0.82
N PRO A 186 -23.75 10.81 -0.06
CA PRO A 186 -24.00 12.13 -0.63
C PRO A 186 -22.80 12.77 -1.33
N ASP A 187 -21.61 12.14 -1.31
CA ASP A 187 -20.45 12.68 -2.06
C ASP A 187 -20.36 12.02 -3.44
N MET A 188 -21.16 11.00 -3.74
CA MET A 188 -21.08 10.30 -5.05
C MET A 188 -21.90 11.05 -6.10
N ALA A 189 -21.58 10.81 -7.38
CA ALA A 189 -22.09 11.62 -8.51
C ALA A 189 -23.60 11.55 -8.57
N PHE A 190 -24.23 10.38 -8.50
CA PHE A 190 -25.67 10.31 -8.77
C PHE A 190 -26.45 11.02 -7.65
N HIS A 191 -26.00 10.85 -6.41
CA HIS A 191 -26.65 11.51 -5.26
C HIS A 191 -26.56 13.02 -5.47
N ARG A 192 -25.38 13.54 -5.78
CA ARG A 192 -25.17 15.00 -5.96
C ARG A 192 -26.05 15.50 -7.11
N LEU A 193 -26.00 14.84 -8.24
CA LEU A 193 -26.65 15.33 -9.47
C LEU A 193 -28.17 15.28 -9.29
N ILE A 194 -28.67 14.23 -8.69
CA ILE A 194 -30.13 14.09 -8.43
C ILE A 194 -30.56 15.17 -7.44
N LYS A 195 -29.81 15.39 -6.34
CA LYS A 195 -30.13 16.41 -5.33
C LYS A 195 -30.17 17.77 -6.05
N GLN A 196 -29.18 18.06 -6.89
CA GLN A 196 -29.06 19.34 -7.62
C GLN A 196 -30.29 19.51 -8.52
N MET A 197 -30.64 18.47 -9.28
CA MET A 197 -31.77 18.51 -10.23
C MET A 197 -33.09 18.71 -9.47
N LEU A 198 -33.29 18.01 -8.34
CA LEU A 198 -34.50 18.19 -7.49
C LEU A 198 -34.62 19.64 -7.01
N GLU A 199 -33.49 20.31 -6.73
CA GLU A 199 -33.47 21.66 -6.11
C GLU A 199 -33.45 22.72 -7.20
N ASP A 200 -33.50 22.31 -8.48
CA ASP A 200 -33.32 23.18 -9.67
C ASP A 200 -32.05 24.02 -9.46
N LYS A 201 -30.95 23.37 -9.07
CA LYS A 201 -29.61 23.98 -8.98
C LYS A 201 -28.73 23.39 -10.07
N PRO A 202 -27.63 24.09 -10.43
CA PRO A 202 -26.73 23.60 -11.45
C PRO A 202 -26.21 22.21 -11.09
N LEU A 203 -26.11 21.37 -12.12
CA LEU A 203 -25.49 20.03 -12.01
C LEU A 203 -23.97 20.20 -12.13
N THR A 204 -23.20 19.77 -11.12
CA THR A 204 -21.72 19.92 -11.13
C THR A 204 -21.11 18.75 -11.89
N ILE A 205 -20.46 19.05 -13.01
CA ILE A 205 -19.71 18.07 -13.81
C ILE A 205 -18.21 18.35 -13.66
N PHE A 206 -17.45 17.35 -13.19
CA PHE A 206 -15.97 17.43 -13.05
C PHE A 206 -15.36 17.00 -14.39
N GLY A 207 -14.68 17.96 -15.05
CA GLY A 207 -14.14 17.78 -16.40
C GLY A 207 -15.24 18.07 -17.39
N ASP A 208 -15.28 17.36 -18.53
CA ASP A 208 -16.28 17.56 -19.61
C ASP A 208 -17.46 16.56 -19.55
N GLY A 209 -17.50 15.65 -18.57
CA GLY A 209 -18.63 14.71 -18.44
C GLY A 209 -18.52 13.49 -19.34
N THR A 210 -17.46 13.38 -20.16
CA THR A 210 -17.36 12.26 -21.12
C THR A 210 -16.74 11.05 -20.44
N GLN A 211 -16.30 11.21 -19.19
CA GLN A 211 -15.73 10.08 -18.43
C GLN A 211 -16.82 9.03 -18.22
N THR A 212 -16.41 7.77 -18.17
CA THR A 212 -17.35 6.62 -18.08
C THR A 212 -17.05 5.81 -16.83
N ARG A 213 -18.08 5.14 -16.32
CA ARG A 213 -17.93 4.18 -15.23
C ARG A 213 -18.73 2.93 -15.50
N ASP A 214 -18.22 1.83 -14.97
CA ASP A 214 -18.95 0.56 -14.82
C ASP A 214 -19.85 0.70 -13.60
N PHE A 215 -21.02 1.31 -13.74
CA PHE A 215 -21.92 1.58 -12.59
C PHE A 215 -22.65 0.30 -12.20
N THR A 216 -22.67 0.00 -10.91
CA THR A 216 -23.16 -1.30 -10.40
C THR A 216 -24.32 -1.00 -9.47
N TYR A 217 -25.53 -1.43 -9.85
CA TYR A 217 -26.71 -1.19 -8.98
C TYR A 217 -26.49 -1.93 -7.67
N ILE A 218 -26.87 -1.30 -6.56
CA ILE A 218 -26.66 -1.87 -5.19
C ILE A 218 -27.20 -3.30 -5.11
N ASP A 219 -28.40 -3.61 -5.59
CA ASP A 219 -28.92 -5.00 -5.40
C ASP A 219 -28.06 -6.00 -6.16
N ASP A 220 -27.47 -5.63 -7.29
CA ASP A 220 -26.49 -6.48 -8.02
C ASP A 220 -25.24 -6.68 -7.15
N CYS A 221 -24.64 -5.60 -6.68
CA CYS A 221 -23.48 -5.66 -5.77
C CYS A 221 -23.78 -6.63 -4.62
N ILE A 222 -24.91 -6.45 -3.96
CA ILE A 222 -25.23 -7.29 -2.76
C ILE A 222 -25.45 -8.76 -3.16
N ARG A 223 -26.07 -9.04 -4.29
CA ARG A 223 -26.22 -10.46 -4.73
C ARG A 223 -24.83 -11.08 -4.92
N GLY A 224 -23.90 -10.38 -5.57
CA GLY A 224 -22.52 -10.87 -5.73
C GLY A 224 -21.82 -11.09 -4.39
N THR A 225 -22.04 -10.15 -3.47
CA THR A 225 -21.35 -10.13 -2.17
C THR A 225 -21.87 -11.30 -1.32
N VAL A 226 -23.17 -11.55 -1.34
CA VAL A 226 -23.78 -12.69 -0.57
C VAL A 226 -23.31 -14.00 -1.23
N ALA A 227 -23.20 -14.04 -2.55
CA ALA A 227 -22.76 -15.27 -3.27
C ALA A 227 -21.37 -15.67 -2.80
N ALA A 228 -20.49 -14.70 -2.46
CA ALA A 228 -19.12 -15.00 -1.98
C ALA A 228 -19.15 -15.78 -0.66
N LEU A 229 -20.13 -15.51 0.20
CA LEU A 229 -20.30 -16.27 1.46
C LEU A 229 -20.89 -17.63 1.11
N GLU A 230 -21.90 -17.68 0.26
CA GLU A 230 -22.79 -18.86 0.14
C GLU A 230 -22.12 -19.95 -0.68
N THR A 231 -21.22 -19.61 -1.57
CA THR A 231 -20.56 -20.65 -2.41
C THR A 231 -19.88 -21.66 -1.47
N LYS A 232 -19.88 -22.93 -1.87
CA LYS A 232 -19.18 -24.04 -1.19
C LYS A 232 -17.83 -24.31 -1.89
N LYS A 233 -17.57 -23.69 -3.05
CA LYS A 233 -16.34 -24.00 -3.82
C LYS A 233 -15.22 -23.12 -3.26
N ASN A 234 -13.98 -23.60 -3.35
CA ASN A 234 -12.81 -22.95 -2.71
C ASN A 234 -12.44 -21.70 -3.52
N ILE A 235 -12.81 -20.51 -3.01
CA ILE A 235 -12.46 -19.17 -3.60
C ILE A 235 -11.52 -18.43 -2.66
N ILE A 236 -10.95 -19.11 -1.66
CA ILE A 236 -10.01 -18.50 -0.67
C ILE A 236 -8.75 -18.03 -1.44
N GLY A 237 -8.36 -16.79 -1.20
CA GLY A 237 -7.19 -16.13 -1.80
C GLY A 237 -7.51 -15.46 -3.14
N GLU A 238 -8.74 -15.58 -3.64
CA GLU A 238 -9.17 -15.03 -4.95
C GLU A 238 -9.47 -13.53 -4.81
N VAL A 239 -9.13 -12.76 -5.84
CA VAL A 239 -9.65 -11.38 -6.08
C VAL A 239 -10.73 -11.44 -7.15
N ILE A 240 -11.90 -10.89 -6.88
CA ILE A 240 -13.06 -10.98 -7.79
C ILE A 240 -13.59 -9.57 -7.99
N ASN A 241 -13.66 -9.16 -9.25
CA ASN A 241 -14.39 -7.96 -9.70
C ASN A 241 -15.89 -8.18 -9.60
N ILE A 242 -16.58 -7.16 -9.10
CA ILE A 242 -18.06 -7.04 -9.04
C ILE A 242 -18.42 -5.74 -9.77
N GLY A 243 -18.96 -5.88 -10.99
CA GLY A 243 -19.31 -4.79 -11.88
C GLY A 243 -20.76 -4.87 -12.29
N GLY A 244 -21.17 -3.93 -13.11
CA GLY A 244 -22.58 -3.62 -13.37
C GLY A 244 -23.05 -4.04 -14.76
N LYS A 245 -24.33 -3.77 -15.00
CA LYS A 245 -25.03 -4.22 -16.22
C LYS A 245 -24.60 -3.34 -17.39
N GLU A 246 -24.57 -2.01 -17.21
CA GLU A 246 -24.47 -1.01 -18.30
C GLU A 246 -23.51 0.12 -17.92
N GLN A 247 -22.44 0.34 -18.69
CA GLN A 247 -21.52 1.47 -18.49
C GLN A 247 -22.18 2.73 -19.05
N ALA A 248 -21.72 3.90 -18.64
CA ALA A 248 -22.26 5.17 -19.15
C ALA A 248 -21.32 6.31 -18.80
N SER A 249 -21.42 7.39 -19.57
CA SER A 249 -20.78 8.68 -19.29
C SER A 249 -21.63 9.49 -18.33
N ILE A 250 -21.03 10.48 -17.69
CA ILE A 250 -21.78 11.43 -16.82
C ILE A 250 -22.79 12.17 -17.71
N LEU A 251 -22.45 12.50 -18.96
CA LEU A 251 -23.44 13.20 -19.85
C LEU A 251 -24.63 12.27 -20.12
N ASP A 252 -24.38 10.98 -20.37
CA ASP A 252 -25.43 9.95 -20.65
C ASP A 252 -26.33 9.89 -19.41
N ILE A 253 -25.72 9.84 -18.23
CA ILE A 253 -26.50 9.80 -16.96
C ILE A 253 -27.40 11.02 -16.85
N ILE A 254 -26.86 12.20 -17.11
CA ILE A 254 -27.66 13.45 -16.93
C ILE A 254 -28.86 13.41 -17.88
N SER A 255 -28.66 13.01 -19.14
CA SER A 255 -29.76 12.82 -20.13
C SER A 255 -30.82 11.88 -19.59
N MET A 256 -30.41 10.79 -18.93
CA MET A 256 -31.36 9.80 -18.38
C MET A 256 -32.11 10.42 -17.21
N LEU A 257 -31.44 11.21 -16.37
CA LEU A 257 -32.10 11.91 -15.22
C LEU A 257 -33.15 12.90 -15.71
N GLU A 258 -32.82 13.67 -16.74
CA GLU A 258 -33.73 14.63 -17.41
C GLU A 258 -34.98 13.89 -17.93
N LYS A 259 -34.82 12.67 -18.46
CA LYS A 259 -35.98 11.86 -18.94
C LYS A 259 -36.85 11.43 -17.75
N ILE A 260 -36.24 11.13 -16.60
CA ILE A 260 -37.00 10.71 -15.39
C ILE A 260 -37.78 11.90 -14.80
N SER A 261 -37.14 13.06 -14.67
CA SER A 261 -37.71 14.24 -13.99
C SER A 261 -38.59 15.06 -14.94
N GLY A 262 -38.42 14.92 -16.25
CA GLY A 262 -39.01 15.86 -17.23
C GLY A 262 -38.51 17.29 -17.05
N LYS A 263 -37.35 17.50 -16.43
CA LYS A 263 -36.74 18.84 -16.33
C LYS A 263 -35.52 18.87 -17.24
N SER A 264 -35.02 20.06 -17.51
CA SER A 264 -33.79 20.32 -18.27
C SER A 264 -32.72 20.79 -17.26
N ALA A 265 -31.57 20.14 -17.21
CA ALA A 265 -30.51 20.45 -16.22
C ALA A 265 -29.76 21.70 -16.65
N THR A 266 -29.53 22.62 -15.73
CA THR A 266 -28.41 23.61 -15.82
C THR A 266 -27.11 22.88 -15.46
N LYS A 267 -26.13 22.92 -16.37
CA LYS A 267 -24.82 22.24 -16.20
C LYS A 267 -23.74 23.27 -15.85
N ASN A 268 -22.92 23.01 -14.82
CA ASN A 268 -21.66 23.74 -14.53
C ASN A 268 -20.47 22.79 -14.72
N PHE A 269 -19.60 23.07 -15.67
CA PHE A 269 -18.40 22.26 -15.95
C PHE A 269 -17.24 22.76 -15.11
N LEU A 270 -16.80 21.99 -14.12
CA LEU A 270 -15.64 22.32 -13.25
C LEU A 270 -14.38 21.65 -13.78
N LYS A 271 -13.23 22.04 -13.26
CA LYS A 271 -11.91 21.37 -13.52
C LYS A 271 -12.04 19.90 -13.15
N SER A 272 -11.40 19.04 -13.95
CA SER A 272 -11.14 17.62 -13.62
C SER A 272 -10.54 17.52 -12.22
N VAL A 273 -10.92 16.48 -11.50
CA VAL A 273 -10.40 16.10 -10.15
C VAL A 273 -9.11 15.31 -10.38
N PRO A 274 -7.96 15.75 -9.84
CA PRO A 274 -6.74 14.94 -9.87
C PRO A 274 -7.03 13.60 -9.20
N GLY A 275 -6.54 12.52 -9.79
CA GLY A 275 -6.59 11.19 -9.17
C GLY A 275 -7.73 10.36 -9.69
N GLU A 276 -8.56 10.90 -10.58
CA GLU A 276 -9.73 10.14 -11.11
C GLU A 276 -9.39 9.60 -12.49
N PRO A 277 -9.59 8.30 -12.78
CA PRO A 277 -9.45 7.78 -14.14
C PRO A 277 -10.55 8.30 -15.06
N LYS A 278 -10.31 8.30 -16.36
CA LYS A 278 -11.30 8.72 -17.39
C LYS A 278 -12.32 7.61 -17.61
N GLN A 279 -11.95 6.35 -17.33
CA GLN A 279 -12.83 5.21 -17.63
C GLN A 279 -12.61 4.11 -16.59
N THR A 280 -13.69 3.45 -16.20
CA THR A 280 -13.62 2.13 -15.53
C THR A 280 -14.56 1.17 -16.24
N TRP A 281 -14.14 -0.08 -16.24
CA TRP A 281 -14.78 -1.14 -17.03
C TRP A 281 -14.30 -2.47 -16.49
N ALA A 282 -15.18 -3.17 -15.78
CA ALA A 282 -14.85 -4.46 -15.17
C ALA A 282 -14.95 -5.57 -16.22
N ASP A 283 -14.00 -6.48 -16.17
CA ASP A 283 -14.22 -7.87 -16.67
C ASP A 283 -14.80 -8.67 -15.49
N ILE A 284 -16.02 -9.15 -15.62
CA ILE A 284 -16.73 -9.90 -14.55
C ILE A 284 -16.87 -11.37 -14.92
N SER A 285 -16.06 -11.89 -15.88
CA SER A 285 -15.97 -13.33 -16.22
C SER A 285 -15.71 -14.21 -14.99
N LYS A 286 -14.76 -13.80 -14.14
CA LYS A 286 -14.39 -14.57 -12.94
C LYS A 286 -15.56 -14.66 -11.94
N ALA A 287 -16.25 -13.56 -11.67
CA ALA A 287 -17.45 -13.57 -10.79
C ALA A 287 -18.55 -14.46 -11.42
N SER A 288 -18.68 -14.41 -12.74
CA SER A 288 -19.67 -15.25 -13.45
C SER A 288 -19.35 -16.73 -13.20
N THR A 289 -18.08 -17.08 -13.26
CA THR A 289 -17.61 -18.48 -13.16
C THR A 289 -17.66 -18.95 -11.70
N LEU A 290 -17.19 -18.12 -10.76
CA LEU A 290 -17.00 -18.58 -9.35
C LEU A 290 -18.29 -18.37 -8.55
N LEU A 291 -19.04 -17.31 -8.81
CA LEU A 291 -20.15 -16.89 -7.93
C LEU A 291 -21.48 -17.03 -8.64
N GLN A 292 -21.50 -17.48 -9.91
CA GLN A 292 -22.68 -17.38 -10.81
C GLN A 292 -23.22 -15.95 -10.81
N TYR A 293 -22.33 -14.96 -10.79
CA TYR A 293 -22.74 -13.54 -10.71
C TYR A 293 -23.16 -13.03 -12.09
N SER A 294 -24.35 -12.45 -12.18
CA SER A 294 -24.83 -11.72 -13.37
C SER A 294 -25.65 -10.51 -12.95
N PRO A 295 -25.20 -9.27 -13.22
CA PRO A 295 -25.98 -8.08 -12.86
C PRO A 295 -27.20 -7.99 -13.77
N THR A 296 -28.38 -7.65 -13.21
CA THR A 296 -29.67 -7.66 -13.94
C THR A 296 -30.40 -6.31 -13.89
N VAL A 297 -29.94 -5.32 -13.12
CA VAL A 297 -30.68 -4.03 -13.01
C VAL A 297 -30.14 -3.04 -14.03
N SER A 298 -31.01 -2.63 -14.94
CA SER A 298 -30.69 -1.58 -15.95
C SER A 298 -30.43 -0.25 -15.24
N LEU A 299 -29.67 0.65 -15.85
CA LEU A 299 -29.49 2.04 -15.37
C LEU A 299 -30.82 2.76 -15.29
N SER A 300 -31.70 2.63 -16.30
CA SER A 300 -32.99 3.39 -16.27
C SER A 300 -33.73 3.02 -14.97
N ASP A 301 -33.81 1.73 -14.63
CA ASP A 301 -34.54 1.25 -13.44
C ASP A 301 -33.76 1.66 -12.18
N GLY A 302 -32.43 1.46 -12.17
CA GLY A 302 -31.60 1.79 -11.01
C GLY A 302 -31.69 3.27 -10.69
N LEU A 303 -31.54 4.12 -11.69
CA LEU A 303 -31.63 5.58 -11.52
C LEU A 303 -33.00 6.03 -11.02
N GLU A 304 -34.11 5.47 -11.52
CA GLU A 304 -35.43 5.84 -10.98
C GLU A 304 -35.47 5.49 -9.51
N ALA A 305 -34.94 4.33 -9.12
CA ALA A 305 -34.92 3.90 -7.71
C ALA A 305 -34.12 4.92 -6.89
N GLU A 306 -32.93 5.32 -7.37
CA GLU A 306 -32.15 6.33 -6.61
C GLU A 306 -32.87 7.68 -6.61
N TYR A 307 -33.40 8.12 -7.73
CA TYR A 307 -34.15 9.40 -7.86
C TYR A 307 -35.25 9.44 -6.80
N ASP A 308 -36.01 8.35 -6.68
CA ASP A 308 -37.12 8.26 -5.70
C ASP A 308 -36.57 8.36 -4.29
N TYR A 309 -35.52 7.59 -4.00
CA TYR A 309 -34.86 7.59 -2.67
C TYR A 309 -34.44 9.02 -2.30
N ILE A 310 -33.71 9.72 -3.18
CA ILE A 310 -33.19 11.09 -2.89
C ILE A 310 -34.39 12.04 -2.69
N LYS A 311 -35.39 11.99 -3.57
CA LYS A 311 -36.57 12.88 -3.44
C LYS A 311 -37.19 12.77 -2.04
N GLN A 312 -37.45 11.53 -1.62
CA GLN A 312 -38.05 11.18 -0.31
C GLN A 312 -37.12 11.60 0.81
N LEU A 313 -35.82 11.40 0.63
CA LEU A 313 -34.81 11.70 1.67
C LEU A 313 -34.84 13.19 2.04
N TYR A 314 -34.86 14.08 1.06
CA TYR A 314 -34.86 15.55 1.26
C TYR A 314 -36.30 16.08 1.14
N MET B 1 25.33 21.52 -7.30
CA MET B 1 23.99 20.86 -7.15
C MET B 1 23.73 20.62 -5.66
N LYS B 2 22.51 20.85 -5.17
CA LYS B 2 22.21 20.67 -3.73
C LYS B 2 21.24 19.49 -3.58
N ILE B 3 21.62 18.51 -2.75
CA ILE B 3 20.97 17.17 -2.70
C ILE B 3 20.51 16.95 -1.26
N LEU B 4 19.21 16.69 -1.05
CA LEU B 4 18.70 16.26 0.25
C LEU B 4 18.71 14.73 0.31
N VAL B 5 19.32 14.18 1.34
CA VAL B 5 19.29 12.71 1.62
C VAL B 5 18.51 12.53 2.90
N THR B 6 17.33 11.89 2.82
CA THR B 6 16.60 11.47 4.02
C THR B 6 17.17 10.13 4.48
N GLY B 7 17.14 9.94 5.78
CA GLY B 7 17.75 8.80 6.47
C GLY B 7 19.25 8.79 6.38
N ALA B 8 19.88 9.96 6.41
CA ALA B 8 21.34 10.16 6.16
C ALA B 8 22.21 9.48 7.22
N ALA B 9 21.69 9.26 8.43
CA ALA B 9 22.51 8.69 9.53
C ALA B 9 22.46 7.17 9.50
N GLY B 10 21.66 6.61 8.60
CA GLY B 10 21.44 5.17 8.51
C GLY B 10 22.57 4.51 7.74
N PHE B 11 22.44 3.20 7.62
CA PHE B 11 23.43 2.34 6.92
C PHE B 11 23.68 2.87 5.50
N ILE B 12 22.65 2.80 4.67
CA ILE B 12 22.86 3.07 3.22
C ILE B 12 22.95 4.58 3.02
N GLY B 13 22.13 5.36 3.69
CA GLY B 13 22.17 6.82 3.55
C GLY B 13 23.52 7.43 3.92
N SER B 14 24.21 6.90 4.92
CA SER B 14 25.50 7.51 5.35
C SER B 14 26.53 7.27 4.24
N HIS B 15 26.53 6.07 3.66
CA HIS B 15 27.38 5.68 2.51
C HIS B 15 27.02 6.56 1.31
N LEU B 16 25.72 6.78 1.08
CA LEU B 16 25.34 7.62 -0.08
C LEU B 16 25.88 9.03 0.11
N CYS B 17 25.69 9.62 1.27
CA CYS B 17 26.22 10.98 1.52
C CYS B 17 27.73 10.96 1.31
N GLN B 18 28.41 9.93 1.80
CA GLN B 18 29.91 9.83 1.70
C GLN B 18 30.27 9.94 0.23
N ALA B 19 29.61 9.15 -0.62
CA ALA B 19 29.90 9.08 -2.07
C ALA B 19 29.61 10.43 -2.73
N LEU B 20 28.48 11.04 -2.41
CA LEU B 20 28.13 12.36 -3.04
C LEU B 20 29.16 13.43 -2.68
N LEU B 21 29.62 13.45 -1.43
CA LEU B 21 30.58 14.48 -0.94
C LEU B 21 31.93 14.33 -1.64
N LYS B 22 32.19 13.20 -2.31
CA LYS B 22 33.49 13.02 -3.04
C LYS B 22 33.49 13.93 -4.26
N ASN B 23 32.32 14.38 -4.72
CA ASN B 23 32.16 15.35 -5.82
C ASN B 23 32.02 16.77 -5.23
N SER B 24 33.05 17.59 -5.42
CA SER B 24 33.18 18.98 -4.93
C SER B 24 32.00 19.84 -5.37
N ALA B 25 31.37 19.50 -6.49
CA ALA B 25 30.23 20.26 -7.03
C ALA B 25 29.02 20.09 -6.12
N TYR B 26 28.93 18.99 -5.39
CA TYR B 26 27.68 18.59 -4.68
C TYR B 26 27.70 19.17 -3.26
N HIS B 27 26.61 19.82 -2.85
CA HIS B 27 26.31 20.20 -1.45
C HIS B 27 25.23 19.24 -0.98
N VAL B 28 25.39 18.67 0.21
CA VAL B 28 24.49 17.60 0.72
C VAL B 28 23.88 18.08 2.02
N VAL B 29 22.57 17.91 2.14
CA VAL B 29 21.84 18.09 3.39
C VAL B 29 21.30 16.72 3.77
N GLY B 30 21.67 16.26 4.98
CA GLY B 30 21.20 14.98 5.55
C GLY B 30 20.14 15.29 6.58
N ILE B 31 19.04 14.54 6.58
CA ILE B 31 18.03 14.67 7.67
C ILE B 31 17.79 13.29 8.24
N ASP B 32 17.83 13.19 9.56
CA ASP B 32 17.62 11.87 10.23
C ASP B 32 17.10 12.13 11.63
N HIS B 33 16.13 11.32 12.05
CA HIS B 33 15.43 11.41 13.35
C HIS B 33 16.00 10.38 14.34
N PHE B 34 16.98 9.56 13.97
CA PHE B 34 17.59 8.55 14.86
C PHE B 34 16.54 7.61 15.44
N ILE B 35 15.73 7.00 14.59
CA ILE B 35 14.72 5.98 15.05
C ILE B 35 14.94 4.69 14.26
N GLY B 36 14.09 3.70 14.45
CA GLY B 36 14.27 2.41 13.77
C GLY B 36 15.14 1.48 14.58
N PRO B 37 15.57 0.35 13.98
CA PRO B 37 16.22 -0.71 14.76
C PRO B 37 17.61 -0.36 15.29
N THR B 38 18.37 0.48 14.60
CA THR B 38 19.79 0.79 14.94
C THR B 38 19.88 1.77 16.11
N PRO B 39 20.56 1.38 17.22
CA PRO B 39 20.79 2.29 18.34
C PRO B 39 21.51 3.56 17.89
N ALA B 40 21.10 4.68 18.47
CA ALA B 40 21.54 6.05 18.10
C ALA B 40 23.07 6.24 18.24
N THR B 41 23.79 5.45 19.02
CA THR B 41 25.27 5.59 19.18
C THR B 41 26.01 5.19 17.89
N LEU B 42 25.45 4.27 17.10
CA LEU B 42 26.09 3.82 15.84
C LEU B 42 25.83 4.88 14.75
N LYS B 43 24.64 5.48 14.77
CA LYS B 43 24.28 6.56 13.83
C LYS B 43 25.04 7.85 14.16
N THR B 44 25.36 8.10 15.43
CA THR B 44 26.19 9.29 15.77
C THR B 44 27.50 9.21 14.98
N GLY B 45 28.17 8.04 14.94
CA GLY B 45 29.44 7.84 14.22
C GLY B 45 29.28 8.12 12.73
N ASN B 46 28.19 7.64 12.12
CA ASN B 46 27.87 7.91 10.70
C ASN B 46 27.88 9.43 10.48
N ILE B 47 27.12 10.18 11.27
CA ILE B 47 26.94 11.64 11.04
C ILE B 47 28.29 12.35 11.32
N GLN B 48 29.06 11.86 12.29
CA GLN B 48 30.37 12.49 12.65
C GLN B 48 31.36 12.45 11.48
N SER B 49 31.50 11.32 10.78
CA SER B 49 32.38 11.18 9.59
C SER B 49 31.96 12.14 8.44
N LEU B 50 30.66 12.24 8.16
CA LEU B 50 30.07 13.18 7.16
C LEU B 50 30.34 14.62 7.58
N GLU B 51 30.26 14.95 8.86
CA GLU B 51 30.34 16.35 9.31
C GLU B 51 31.79 16.84 9.28
N LEU B 52 32.76 15.94 9.00
CA LEU B 52 34.13 16.38 8.67
C LEU B 52 34.11 17.32 7.47
N ASN B 53 33.16 17.14 6.54
CA ASN B 53 33.12 17.84 5.24
C ASN B 53 32.26 19.10 5.33
N SER B 54 32.83 20.25 4.94
CA SER B 54 32.15 21.57 4.97
C SER B 54 30.92 21.60 4.03
N ARG B 55 30.85 20.71 3.04
CA ARG B 55 29.73 20.70 2.06
C ARG B 55 28.56 19.84 2.60
N PHE B 56 28.61 19.43 3.86
CA PHE B 56 27.57 18.58 4.50
C PHE B 56 26.87 19.37 5.59
N GLN B 57 25.54 19.37 5.54
CA GLN B 57 24.69 20.02 6.58
C GLN B 57 23.83 18.91 7.15
N PHE B 58 23.84 18.73 8.47
CA PHE B 58 22.98 17.71 9.12
C PHE B 58 21.79 18.36 9.82
N ILE B 59 20.61 17.78 9.66
CA ILE B 59 19.38 18.20 10.39
C ILE B 59 18.90 16.98 11.18
N ARG B 60 18.82 17.12 12.51
CA ARG B 60 18.33 16.06 13.42
C ARG B 60 16.88 16.39 13.75
N GLU B 61 15.95 15.93 12.92
CA GLU B 61 14.50 16.24 13.06
C GLU B 61 13.74 15.09 12.43
N ASP B 62 12.55 14.86 12.93
CA ASP B 62 11.55 14.03 12.23
C ASP B 62 11.17 14.78 10.96
N ILE B 63 11.10 14.06 9.84
CA ILE B 63 10.55 14.63 8.56
C ILE B 63 9.09 15.13 8.76
N LEU B 64 8.36 14.53 9.69
CA LEU B 64 6.94 14.91 9.94
C LEU B 64 6.87 16.11 10.88
N ASN B 65 8.01 16.63 11.32
CA ASN B 65 8.00 17.81 12.23
C ASN B 65 8.95 18.89 11.70
N THR B 66 9.08 19.04 10.40
CA THR B 66 10.07 20.01 9.88
C THR B 66 9.36 20.84 8.83
N ASP B 67 9.81 22.08 8.61
CA ASP B 67 9.23 22.98 7.57
C ASP B 67 9.82 22.50 6.23
N LEU B 68 9.16 21.55 5.58
CA LEU B 68 9.69 20.94 4.34
C LEU B 68 9.76 21.99 3.24
N SER B 69 8.78 22.92 3.17
CA SER B 69 8.76 24.01 2.17
C SER B 69 10.09 24.78 2.23
N LYS B 70 10.49 25.13 3.44
CA LYS B 70 11.68 25.97 3.66
C LYS B 70 12.92 25.15 3.32
N LEU B 71 12.97 23.92 3.81
CA LEU B 71 14.11 23.01 3.58
C LEU B 71 14.34 22.81 2.07
N LEU B 72 13.27 22.66 1.28
CA LEU B 72 13.36 22.19 -0.14
C LEU B 72 13.57 23.36 -1.12
N GLN B 73 13.49 24.63 -0.68
CA GLN B 73 13.56 25.84 -1.58
C GLN B 73 14.79 25.70 -2.50
N ASP B 74 15.94 25.31 -1.96
CA ASP B 74 17.21 25.33 -2.75
C ASP B 74 17.65 23.90 -3.10
N ILE B 75 16.75 22.91 -3.00
CA ILE B 75 17.14 21.50 -3.26
C ILE B 75 16.87 21.18 -4.72
N ASP B 76 17.84 20.53 -5.35
CA ASP B 76 17.76 20.12 -6.77
C ASP B 76 17.29 18.68 -6.84
N VAL B 77 17.81 17.85 -5.94
CA VAL B 77 17.56 16.38 -5.97
C VAL B 77 17.26 15.93 -4.56
N VAL B 78 16.22 15.10 -4.43
CA VAL B 78 15.92 14.39 -3.17
C VAL B 78 16.27 12.91 -3.36
N TYR B 79 17.05 12.38 -2.43
CA TYR B 79 17.18 10.93 -2.23
C TYR B 79 16.41 10.59 -0.96
N HIS B 80 15.35 9.78 -1.10
CA HIS B 80 14.46 9.43 0.03
C HIS B 80 14.76 8.00 0.50
N LEU B 81 15.57 7.86 1.55
CA LEU B 81 15.94 6.55 2.13
C LEU B 81 15.33 6.36 3.51
N ALA B 82 14.86 7.43 4.15
CA ALA B 82 14.27 7.33 5.50
C ALA B 82 13.10 6.33 5.48
N ALA B 83 13.10 5.40 6.43
CA ALA B 83 12.08 4.34 6.55
C ALA B 83 12.33 3.60 7.84
N ILE B 84 11.37 2.79 8.25
CA ILE B 84 11.61 1.72 9.24
C ILE B 84 11.76 0.42 8.46
N PRO B 85 12.94 -0.22 8.52
CA PRO B 85 13.19 -1.45 7.78
C PRO B 85 12.89 -2.62 8.72
N GLY B 86 12.97 -3.83 8.23
CA GLY B 86 12.78 -4.97 9.14
C GLY B 86 11.57 -5.77 8.75
N VAL B 87 11.78 -6.71 7.84
CA VAL B 87 10.75 -7.73 7.45
C VAL B 87 10.16 -8.35 8.74
N ARG B 88 11.01 -8.72 9.67
CA ARG B 88 10.67 -9.70 10.74
C ARG B 88 9.87 -9.04 11.85
N THR B 89 10.05 -7.74 12.08
CA THR B 89 9.50 -7.05 13.29
C THR B 89 8.36 -6.08 12.91
N SER B 90 7.62 -6.38 11.83
CA SER B 90 6.52 -5.50 11.33
C SER B 90 5.12 -6.01 11.73
N TRP B 91 4.99 -6.91 12.71
CA TRP B 91 3.71 -7.57 13.08
C TRP B 91 3.03 -6.88 14.25
N GLY B 92 1.73 -7.11 14.41
CA GLY B 92 0.94 -6.69 15.57
C GLY B 92 1.15 -5.22 15.95
N LYS B 93 1.52 -4.92 17.19
CA LYS B 93 1.55 -3.50 17.63
C LYS B 93 2.84 -2.80 17.17
N ASP B 94 3.75 -3.51 16.52
CA ASP B 94 4.99 -2.96 15.92
C ASP B 94 4.71 -2.34 14.55
N PHE B 95 3.54 -2.58 13.97
CA PHE B 95 3.21 -2.16 12.58
C PHE B 95 3.05 -0.63 12.48
N GLN B 96 2.47 0.04 13.44
CA GLN B 96 2.11 1.49 13.27
C GLN B 96 3.35 2.31 12.90
N PRO B 97 4.53 2.19 13.53
CA PRO B 97 5.70 2.95 13.06
C PRO B 97 6.09 2.74 11.57
N TYR B 98 5.88 1.55 11.03
CA TYR B 98 6.08 1.27 9.57
C TYR B 98 5.12 2.15 8.74
N VAL B 99 3.86 2.24 9.17
CA VAL B 99 2.85 3.04 8.44
C VAL B 99 3.25 4.51 8.55
N THR B 100 3.54 4.99 9.74
CA THR B 100 3.88 6.42 9.96
C THR B 100 5.15 6.80 9.15
N ASN B 101 6.20 6.02 9.24
CA ASN B 101 7.52 6.44 8.69
C ASN B 101 7.71 5.97 7.24
N ASN B 102 6.94 5.02 6.74
CA ASN B 102 7.14 4.50 5.38
C ASN B 102 6.04 5.07 4.48
N ILE B 103 4.84 5.28 5.02
CA ILE B 103 3.73 5.81 4.22
C ILE B 103 3.59 7.31 4.49
N MET B 104 3.30 7.71 5.71
CA MET B 104 2.93 9.14 5.94
C MET B 104 4.14 10.04 5.62
N VAL B 105 5.35 9.64 5.99
CA VAL B 105 6.62 10.39 5.67
C VAL B 105 6.73 10.55 4.14
N THR B 106 6.56 9.48 3.38
CA THR B 106 6.63 9.59 1.90
C THR B 106 5.55 10.57 1.40
N GLN B 107 4.29 10.44 1.82
CA GLN B 107 3.21 11.32 1.30
C GLN B 107 3.57 12.79 1.60
N GLN B 108 4.03 13.06 2.79
CA GLN B 108 4.28 14.46 3.24
C GLN B 108 5.47 15.03 2.48
N LEU B 109 6.50 14.24 2.22
CA LEU B 109 7.64 14.72 1.37
C LEU B 109 7.13 15.04 -0.03
N LEU B 110 6.36 14.13 -0.61
CA LEU B 110 5.86 14.31 -2.00
C LEU B 110 4.98 15.56 -2.01
N GLU B 111 4.15 15.74 -0.97
CA GLU B 111 3.28 16.95 -0.92
C GLU B 111 4.15 18.22 -0.98
N ALA B 112 5.21 18.28 -0.20
CA ALA B 112 6.11 19.46 -0.11
C ALA B 112 6.85 19.65 -1.43
N CYS B 113 7.06 18.59 -2.22
CA CYS B 113 7.82 18.65 -3.49
C CYS B 113 6.93 19.05 -4.67
N LYS B 114 5.60 19.10 -4.50
CA LYS B 114 4.64 19.52 -5.56
C LYS B 114 5.08 20.81 -6.29
N HIS B 115 5.45 21.86 -5.58
CA HIS B 115 5.69 23.18 -6.24
C HIS B 115 7.17 23.52 -6.22
N ILE B 116 8.02 22.56 -5.91
CA ILE B 116 9.49 22.78 -5.88
C ILE B 116 9.97 22.51 -7.31
N LYS B 117 11.02 23.15 -7.77
CA LYS B 117 11.65 22.74 -9.05
C LYS B 117 12.65 21.65 -8.70
N LEU B 118 12.31 20.36 -8.88
CA LEU B 118 13.31 19.27 -8.62
C LEU B 118 13.74 18.73 -9.97
N ASP B 119 15.02 18.42 -10.07
CA ASP B 119 15.57 17.61 -11.17
C ASP B 119 14.98 16.20 -11.01
N LYS B 120 15.08 15.63 -9.79
CA LYS B 120 14.74 14.20 -9.56
C LYS B 120 14.38 14.00 -8.10
N PHE B 121 13.40 13.15 -7.88
CA PHE B 121 13.01 12.62 -6.57
C PHE B 121 13.30 11.12 -6.63
N ILE B 122 14.40 10.69 -5.99
CA ILE B 122 14.88 9.29 -6.13
C ILE B 122 14.48 8.54 -4.87
N HIS B 123 13.45 7.70 -5.02
CA HIS B 123 12.74 7.04 -3.90
C HIS B 123 13.35 5.65 -3.72
N ILE B 124 13.83 5.31 -2.54
CA ILE B 124 14.45 3.98 -2.31
C ILE B 124 13.40 2.99 -1.79
N SER B 125 13.26 1.88 -2.49
CA SER B 125 12.30 0.81 -2.16
C SER B 125 13.10 -0.48 -2.03
N THR B 126 12.43 -1.62 -2.11
CA THR B 126 13.00 -2.88 -1.57
C THR B 126 12.46 -4.07 -2.36
N SER B 127 13.28 -5.11 -2.48
CA SER B 127 12.87 -6.41 -3.05
C SER B 127 11.69 -6.98 -2.26
N SER B 128 11.42 -6.45 -1.07
CA SER B 128 10.38 -7.02 -0.20
C SER B 128 9.00 -6.71 -0.79
N VAL B 129 8.90 -5.86 -1.81
CA VAL B 129 7.57 -5.62 -2.45
C VAL B 129 7.15 -6.85 -3.28
N TYR B 130 8.08 -7.70 -3.72
CA TYR B 130 7.75 -8.77 -4.68
C TYR B 130 7.12 -9.97 -3.97
N GLY B 131 7.65 -10.36 -2.82
CA GLY B 131 7.32 -11.70 -2.27
C GLY B 131 8.01 -12.80 -3.08
N GLU B 132 7.28 -13.84 -3.53
CA GLU B 132 7.90 -15.14 -3.90
C GLU B 132 7.76 -15.52 -5.38
N LYS B 133 8.88 -15.70 -6.11
CA LYS B 133 8.89 -16.08 -7.55
C LYS B 133 10.03 -17.04 -7.91
N SER B 134 9.92 -17.74 -9.04
CA SER B 134 10.77 -18.88 -9.44
C SER B 134 12.19 -18.41 -9.79
N GLY B 135 12.28 -17.50 -10.75
CA GLY B 135 13.54 -16.99 -11.29
C GLY B 135 13.74 -15.52 -10.93
N ALA B 136 14.54 -14.81 -11.72
CA ALA B 136 14.95 -13.42 -11.45
C ALA B 136 13.74 -12.55 -11.74
N VAL B 137 13.37 -11.63 -10.85
CA VAL B 137 12.12 -10.82 -11.00
C VAL B 137 12.39 -9.51 -11.75
N SER B 138 11.51 -9.24 -12.70
CA SER B 138 11.49 -7.97 -13.47
C SER B 138 10.62 -6.95 -12.75
N GLU B 139 10.87 -5.68 -13.03
CA GLU B 139 10.17 -4.55 -12.37
C GLU B 139 8.70 -4.48 -12.80
N ASP B 140 8.34 -5.15 -13.90
CA ASP B 140 6.97 -5.19 -14.47
C ASP B 140 6.16 -6.35 -13.88
N LEU B 141 6.72 -7.14 -12.97
CA LEU B 141 6.02 -8.27 -12.31
C LEU B 141 5.03 -7.74 -11.25
N LEU B 142 3.80 -8.26 -11.24
CA LEU B 142 2.76 -8.00 -10.22
C LEU B 142 3.35 -8.27 -8.84
N PRO B 143 3.57 -7.25 -8.01
CA PRO B 143 4.14 -7.43 -6.68
C PRO B 143 3.04 -7.74 -5.66
N ILE B 144 3.25 -8.80 -4.89
CA ILE B 144 2.42 -9.23 -3.74
C ILE B 144 3.35 -9.46 -2.56
N PRO B 145 3.50 -8.42 -1.71
CA PRO B 145 4.38 -8.50 -0.55
C PRO B 145 4.00 -9.70 0.34
N LEU B 146 4.99 -10.23 1.05
CA LEU B 146 4.81 -11.33 2.02
C LEU B 146 4.82 -10.77 3.44
N SER B 147 5.25 -9.53 3.66
CA SER B 147 5.39 -8.96 5.02
C SER B 147 4.69 -7.60 5.12
N PRO B 148 4.24 -7.21 6.31
CA PRO B 148 3.65 -5.88 6.47
C PRO B 148 4.66 -4.79 6.05
N TYR B 149 5.95 -4.97 6.38
CA TYR B 149 7.04 -4.06 5.94
C TYR B 149 6.94 -3.89 4.43
N GLY B 150 6.93 -5.01 3.72
CA GLY B 150 6.79 -4.99 2.26
C GLY B 150 5.55 -4.24 1.80
N VAL B 151 4.42 -4.41 2.49
CA VAL B 151 3.16 -3.69 2.12
C VAL B 151 3.43 -2.17 2.22
N THR B 152 4.05 -1.73 3.31
CA THR B 152 4.26 -0.27 3.57
C THR B 152 5.20 0.31 2.52
N LYS B 153 6.23 -0.43 2.11
CA LYS B 153 7.19 0.10 1.12
C LYS B 153 6.50 0.16 -0.25
N LEU B 154 5.68 -0.83 -0.56
CA LEU B 154 4.99 -0.82 -1.87
C LEU B 154 3.99 0.35 -1.85
N SER B 155 3.37 0.66 -0.72
CA SER B 155 2.43 1.81 -0.65
C SER B 155 3.21 3.11 -0.96
N GLY B 156 4.43 3.26 -0.44
CA GLY B 156 5.29 4.41 -0.75
C GLY B 156 5.56 4.51 -2.25
N GLU B 157 5.91 3.41 -2.90
CA GLU B 157 6.09 3.40 -4.36
C GLU B 157 4.84 3.94 -5.03
N HIS B 158 3.68 3.41 -4.64
CA HIS B 158 2.41 3.82 -5.26
C HIS B 158 2.13 5.30 -5.05
N LEU B 159 2.42 5.83 -3.87
CA LEU B 159 2.34 7.30 -3.65
C LEU B 159 3.26 8.04 -4.62
N CYS B 160 4.48 7.55 -4.87
CA CYS B 160 5.35 8.20 -5.89
C CYS B 160 4.63 8.28 -7.25
N HIS B 161 4.01 7.18 -7.70
CA HIS B 161 3.33 7.10 -9.02
C HIS B 161 2.20 8.12 -9.04
N VAL B 162 1.48 8.22 -7.94
CA VAL B 162 0.30 9.12 -7.86
C VAL B 162 0.77 10.58 -8.01
N TYR B 163 1.82 10.96 -7.29
CA TYR B 163 2.32 12.36 -7.32
C TYR B 163 3.02 12.66 -8.65
N HIS B 164 3.69 11.68 -9.25
CA HIS B 164 4.30 11.81 -10.58
C HIS B 164 3.20 12.09 -11.60
N LYS B 165 2.14 11.29 -11.63
CA LYS B 165 1.13 11.43 -12.72
C LYS B 165 0.31 12.71 -12.52
N ASN B 166 0.00 13.09 -11.28
CA ASN B 166 -0.95 14.21 -10.99
C ASN B 166 -0.18 15.52 -10.85
N PHE B 167 1.06 15.53 -10.34
CA PHE B 167 1.80 16.80 -10.06
C PHE B 167 3.17 16.87 -10.72
N HIS B 168 3.52 15.91 -11.56
CA HIS B 168 4.74 15.87 -12.41
C HIS B 168 5.97 15.93 -11.51
N ILE B 169 5.90 15.39 -10.32
CA ILE B 169 7.13 15.21 -9.51
C ILE B 169 7.99 14.17 -10.21
N PRO B 170 9.26 14.51 -10.51
CA PRO B 170 10.12 13.66 -11.33
C PRO B 170 10.69 12.45 -10.56
N ILE B 171 9.81 11.49 -10.23
CA ILE B 171 10.19 10.34 -9.37
C ILE B 171 10.99 9.31 -10.17
N VAL B 172 11.89 8.64 -9.46
CA VAL B 172 12.62 7.43 -9.89
C VAL B 172 12.54 6.47 -8.71
N ILE B 173 12.20 5.20 -8.93
CA ILE B 173 12.15 4.24 -7.82
C ILE B 173 13.31 3.25 -7.99
N LEU B 174 14.09 3.04 -6.93
CA LEU B 174 15.16 2.01 -6.91
C LEU B 174 14.72 0.93 -5.95
N ARG B 175 14.62 -0.32 -6.40
CA ARG B 175 14.32 -1.43 -5.48
C ARG B 175 15.64 -2.10 -5.11
N TYR B 176 16.12 -1.89 -3.89
CA TYR B 176 17.35 -2.55 -3.41
C TYR B 176 17.03 -3.99 -3.01
N PHE B 177 18.01 -4.85 -3.25
CA PHE B 177 18.07 -6.26 -2.78
C PHE B 177 19.18 -6.39 -1.75
N THR B 178 18.83 -7.02 -0.65
CA THR B 178 19.57 -7.16 0.62
C THR B 178 20.97 -6.61 0.57
N VAL B 179 21.15 -5.42 1.11
CA VAL B 179 22.44 -4.71 1.04
C VAL B 179 23.32 -5.08 2.24
N TYR B 180 24.62 -5.24 2.03
CA TYR B 180 25.54 -5.65 3.13
C TYR B 180 26.85 -4.89 3.00
N GLY B 181 27.71 -5.04 4.01
CA GLY B 181 29.04 -4.42 4.04
C GLY B 181 29.30 -3.68 5.34
N PRO B 182 30.39 -2.90 5.40
CA PRO B 182 30.67 -2.04 6.54
C PRO B 182 29.44 -1.15 6.83
N ARG B 183 29.09 -1.06 8.11
CA ARG B 183 28.05 -0.19 8.70
C ARG B 183 26.69 -0.84 8.54
N GLN B 184 26.65 -2.09 8.07
CA GLN B 184 25.36 -2.83 7.98
C GLN B 184 24.67 -2.75 9.34
N ARG B 185 23.35 -2.61 9.34
CA ARG B 185 22.53 -2.49 10.55
C ARG B 185 22.77 -3.73 11.39
N PRO B 186 22.85 -3.61 12.73
CA PRO B 186 23.05 -4.78 13.59
C PRO B 186 21.94 -5.84 13.55
N ASP B 187 20.74 -5.52 13.09
CA ASP B 187 19.62 -6.50 13.02
C ASP B 187 19.75 -7.38 11.76
N MET B 188 20.67 -7.10 10.82
CA MET B 188 20.74 -7.86 9.55
C MET B 188 21.63 -9.11 9.72
N ALA B 189 21.45 -10.10 8.84
CA ALA B 189 22.01 -11.45 9.03
C ALA B 189 23.54 -11.38 9.14
N PHE B 190 24.23 -10.72 8.22
CA PHE B 190 25.70 -10.80 8.12
C PHE B 190 26.33 -10.17 9.36
N HIS B 191 25.83 -9.03 9.81
CA HIS B 191 26.26 -8.40 11.08
C HIS B 191 26.15 -9.39 12.25
N ARG B 192 24.96 -9.96 12.46
CA ARG B 192 24.73 -10.98 13.53
C ARG B 192 25.65 -12.20 13.36
N LEU B 193 25.67 -12.86 12.22
CA LEU B 193 26.49 -14.08 12.01
C LEU B 193 27.98 -13.75 12.21
N ILE B 194 28.47 -12.61 11.71
CA ILE B 194 29.91 -12.25 11.82
C ILE B 194 30.25 -12.03 13.30
N LYS B 195 29.42 -11.26 14.00
CA LYS B 195 29.59 -10.95 15.44
C LYS B 195 29.58 -12.26 16.24
N GLN B 196 28.67 -13.18 15.92
CA GLN B 196 28.53 -14.50 16.61
C GLN B 196 29.80 -15.31 16.34
N MET B 197 30.31 -15.36 15.11
CA MET B 197 31.52 -16.13 14.71
C MET B 197 32.77 -15.53 15.37
N LEU B 198 32.88 -14.20 15.42
CA LEU B 198 33.98 -13.48 16.13
C LEU B 198 33.97 -13.84 17.63
N GLU B 199 32.80 -13.98 18.24
CA GLU B 199 32.67 -14.22 19.71
C GLU B 199 32.47 -15.71 19.98
N ASP B 200 32.80 -16.59 19.01
CA ASP B 200 32.78 -18.07 19.13
C ASP B 200 31.42 -18.55 19.65
N LYS B 201 30.32 -17.86 19.32
CA LYS B 201 28.94 -18.19 19.77
C LYS B 201 28.24 -18.96 18.65
N PRO B 202 27.13 -19.66 18.97
CA PRO B 202 26.29 -20.30 17.95
C PRO B 202 25.77 -19.31 16.90
N LEU B 203 25.97 -19.61 15.63
CA LEU B 203 25.37 -18.82 14.51
C LEU B 203 23.88 -19.10 14.52
N THR B 204 23.09 -18.05 14.74
CA THR B 204 21.60 -18.11 14.75
C THR B 204 21.09 -18.14 13.30
N ILE B 205 20.38 -19.21 12.93
CA ILE B 205 19.78 -19.42 11.58
C ILE B 205 18.26 -19.56 11.72
N PHE B 206 17.50 -18.68 11.08
CA PHE B 206 16.04 -18.64 11.16
C PHE B 206 15.52 -19.52 10.01
N GLY B 207 15.19 -20.77 10.33
CA GLY B 207 14.75 -21.78 9.36
C GLY B 207 15.89 -22.72 9.09
N ASP B 208 15.93 -23.32 7.91
CA ASP B 208 16.87 -24.43 7.63
C ASP B 208 18.12 -23.88 6.97
N GLY B 209 18.20 -22.57 6.72
CA GLY B 209 19.41 -21.97 6.12
C GLY B 209 19.42 -22.08 4.59
N THR B 210 18.37 -22.65 3.97
CA THR B 210 18.28 -22.80 2.49
C THR B 210 17.60 -21.56 1.90
N GLN B 211 17.19 -20.58 2.71
CA GLN B 211 16.78 -19.24 2.16
C GLN B 211 17.95 -18.66 1.37
N THR B 212 17.70 -17.97 0.27
CA THR B 212 18.76 -17.37 -0.57
C THR B 212 18.47 -15.88 -0.81
N ARG B 213 19.52 -15.07 -0.96
CA ARG B 213 19.36 -13.62 -1.25
C ARG B 213 20.24 -13.19 -2.40
N ASP B 214 19.74 -12.21 -3.15
CA ASP B 214 20.53 -11.42 -4.12
C ASP B 214 21.33 -10.36 -3.36
N PHE B 215 22.35 -10.78 -2.61
CA PHE B 215 23.11 -9.89 -1.71
C PHE B 215 23.84 -8.84 -2.55
N THR B 216 23.64 -7.58 -2.21
CA THR B 216 24.22 -6.43 -2.92
C THR B 216 25.23 -5.78 -2.01
N TYR B 217 26.51 -5.77 -2.42
CA TYR B 217 27.55 -5.03 -1.66
C TYR B 217 27.24 -3.53 -1.66
N ILE B 218 27.48 -2.89 -0.54
CA ILE B 218 27.14 -1.45 -0.31
C ILE B 218 27.71 -0.59 -1.44
N ASP B 219 28.96 -0.81 -1.88
CA ASP B 219 29.60 0.08 -2.87
C ASP B 219 28.93 -0.10 -4.22
N ASP B 220 28.47 -1.31 -4.52
CA ASP B 220 27.68 -1.58 -5.75
C ASP B 220 26.32 -0.85 -5.62
N CYS B 221 25.60 -1.00 -4.51
CA CYS B 221 24.30 -0.31 -4.31
C CYS B 221 24.46 1.20 -4.52
N ILE B 222 25.52 1.78 -3.95
CA ILE B 222 25.78 3.25 -4.01
C ILE B 222 26.16 3.66 -5.43
N ARG B 223 26.99 2.88 -6.14
CA ARG B 223 27.28 3.20 -7.56
C ARG B 223 25.96 3.24 -8.35
N GLY B 224 25.04 2.30 -8.19
CA GLY B 224 23.78 2.36 -8.97
C GLY B 224 22.91 3.54 -8.55
N THR B 225 22.96 3.88 -7.27
CA THR B 225 22.19 4.98 -6.66
C THR B 225 22.71 6.32 -7.17
N VAL B 226 24.03 6.50 -7.25
CA VAL B 226 24.63 7.74 -7.80
C VAL B 226 24.35 7.80 -9.30
N ALA B 227 24.36 6.66 -10.00
CA ALA B 227 24.11 6.60 -11.46
C ALA B 227 22.66 7.04 -11.77
N ALA B 228 21.73 6.88 -10.83
CA ALA B 228 20.33 7.36 -11.01
C ALA B 228 20.30 8.88 -11.11
N LEU B 229 21.24 9.56 -10.44
CA LEU B 229 21.39 11.03 -10.53
C LEU B 229 22.13 11.41 -11.83
N GLU B 230 23.19 10.68 -12.17
CA GLU B 230 24.21 11.13 -13.16
C GLU B 230 23.95 10.55 -14.56
N THR B 231 23.07 9.56 -14.70
CA THR B 231 22.88 8.82 -15.98
C THR B 231 22.52 9.80 -17.10
N LYS B 232 22.99 9.49 -18.31
CA LYS B 232 22.64 10.23 -19.55
C LYS B 232 21.22 9.86 -20.00
N LYS B 233 20.64 8.75 -19.53
CA LYS B 233 19.32 8.27 -20.03
C LYS B 233 18.20 8.89 -19.21
N ASN B 234 17.02 8.98 -19.80
CA ASN B 234 15.78 9.44 -19.13
C ASN B 234 15.15 8.27 -18.37
N ILE B 235 15.15 8.35 -17.03
CA ILE B 235 14.63 7.28 -16.14
C ILE B 235 13.46 7.80 -15.30
N ILE B 236 12.97 9.03 -15.52
CA ILE B 236 11.82 9.56 -14.74
C ILE B 236 10.63 8.62 -14.94
N GLY B 237 10.01 8.18 -13.86
CA GLY B 237 8.82 7.31 -13.89
C GLY B 237 9.17 5.83 -13.81
N GLU B 238 10.44 5.49 -13.90
CA GLU B 238 10.94 4.09 -13.98
C GLU B 238 11.13 3.48 -12.58
N VAL B 239 10.83 2.18 -12.49
CA VAL B 239 11.19 1.34 -11.31
C VAL B 239 12.42 0.54 -11.72
N ILE B 240 13.50 0.53 -10.94
CA ILE B 240 14.77 -0.11 -11.35
C ILE B 240 15.27 -0.98 -10.20
N ASN B 241 15.41 -2.30 -10.43
CA ASN B 241 16.05 -3.23 -9.47
C ASN B 241 17.54 -2.94 -9.38
N ILE B 242 18.07 -2.92 -8.14
CA ILE B 242 19.52 -2.80 -7.84
C ILE B 242 19.89 -4.05 -7.07
N GLY B 243 20.48 -5.03 -7.75
CA GLY B 243 20.83 -6.32 -7.14
C GLY B 243 22.33 -6.54 -7.20
N GLY B 244 22.75 -7.73 -6.80
CA GLY B 244 24.14 -7.99 -6.44
C GLY B 244 24.83 -8.88 -7.46
N LYS B 245 26.11 -9.11 -7.24
CA LYS B 245 26.96 -9.87 -8.18
C LYS B 245 26.64 -11.36 -8.05
N GLU B 246 26.46 -11.86 -6.82
CA GLU B 246 26.29 -13.30 -6.59
C GLU B 246 25.21 -13.59 -5.57
N GLN B 247 24.32 -14.53 -5.91
CA GLN B 247 23.26 -15.04 -5.02
C GLN B 247 23.87 -16.14 -4.16
N ALA B 248 23.38 -16.29 -2.92
CA ALA B 248 23.82 -17.35 -1.99
C ALA B 248 22.72 -17.62 -0.95
N SER B 249 22.70 -18.84 -0.41
CA SER B 249 21.92 -19.23 0.78
C SER B 249 22.72 -18.85 2.03
N ILE B 250 22.06 -18.83 3.19
CA ILE B 250 22.74 -18.51 4.47
C ILE B 250 23.78 -19.60 4.79
N LEU B 251 23.44 -20.87 4.53
CA LEU B 251 24.44 -21.98 4.65
C LEU B 251 25.64 -21.64 3.77
N ASP B 252 25.44 -21.27 2.51
CA ASP B 252 26.57 -20.88 1.61
C ASP B 252 27.37 -19.76 2.28
N ILE B 253 26.71 -18.71 2.78
CA ILE B 253 27.44 -17.56 3.41
C ILE B 253 28.25 -18.04 4.61
N ILE B 254 27.67 -18.90 5.44
CA ILE B 254 28.41 -19.41 6.63
C ILE B 254 29.72 -20.10 6.17
N SER B 255 29.68 -21.01 5.17
CA SER B 255 30.91 -21.67 4.61
C SER B 255 31.90 -20.59 4.16
N MET B 256 31.45 -19.53 3.48
CA MET B 256 32.36 -18.42 3.08
C MET B 256 32.92 -17.69 4.31
N LEU B 257 32.15 -17.54 5.38
CA LEU B 257 32.66 -16.82 6.57
C LEU B 257 33.70 -17.70 7.26
N GLU B 258 33.46 -19.02 7.31
CA GLU B 258 34.42 -20.05 7.85
C GLU B 258 35.75 -19.89 7.11
N LYS B 259 35.71 -19.85 5.77
CA LYS B 259 36.93 -19.58 4.94
C LYS B 259 37.65 -18.33 5.46
N ILE B 260 36.94 -17.23 5.74
CA ILE B 260 37.58 -15.91 6.05
C ILE B 260 38.15 -15.92 7.47
N SER B 261 37.37 -16.35 8.45
CA SER B 261 37.77 -16.27 9.89
C SER B 261 38.86 -17.31 10.16
N GLY B 262 38.89 -18.38 9.37
CA GLY B 262 39.65 -19.60 9.71
C GLY B 262 39.16 -20.14 11.03
N LYS B 263 37.86 -20.40 11.11
CA LYS B 263 37.16 -21.08 12.23
C LYS B 263 36.10 -22.01 11.65
N SER B 264 35.78 -23.06 12.39
CA SER B 264 34.56 -23.89 12.20
C SER B 264 33.54 -23.35 13.21
N ALA B 265 32.34 -23.03 12.75
CA ALA B 265 31.26 -22.39 13.54
C ALA B 265 30.26 -23.45 14.01
N THR B 266 29.63 -23.17 15.15
CA THR B 266 28.48 -23.91 15.71
C THR B 266 27.19 -23.30 15.16
N LYS B 267 26.32 -24.11 14.55
CA LYS B 267 25.02 -23.65 14.02
C LYS B 267 23.91 -23.89 15.04
N ASN B 268 23.12 -22.86 15.26
CA ASN B 268 21.86 -22.91 16.02
C ASN B 268 20.69 -22.68 15.05
N PHE B 269 19.97 -23.74 14.66
CA PHE B 269 18.78 -23.63 13.76
C PHE B 269 17.55 -23.24 14.57
N LEU B 270 16.90 -22.12 14.23
CA LEU B 270 15.67 -21.63 14.90
C LEU B 270 14.49 -21.73 13.93
N LYS B 271 13.29 -21.42 14.41
CA LYS B 271 12.03 -21.33 13.61
C LYS B 271 12.26 -20.33 12.46
N SER B 272 11.81 -20.66 11.25
CA SER B 272 11.62 -19.68 10.15
C SER B 272 10.80 -18.47 10.67
N VAL B 273 11.03 -17.30 10.10
CA VAL B 273 10.31 -16.04 10.49
C VAL B 273 9.16 -15.86 9.50
N PRO B 274 7.89 -15.70 9.94
CA PRO B 274 6.82 -15.38 9.02
C PRO B 274 7.12 -14.04 8.33
N GLY B 275 6.75 -13.95 7.06
CA GLY B 275 6.83 -12.71 6.27
C GLY B 275 8.09 -12.67 5.43
N GLU B 276 9.04 -13.62 5.58
CA GLU B 276 10.29 -13.58 4.78
C GLU B 276 10.11 -14.43 3.52
N PRO B 277 10.63 -13.95 2.37
CA PRO B 277 10.70 -14.81 1.20
C PRO B 277 11.78 -15.87 1.40
N LYS B 278 11.62 -16.95 0.67
CA LYS B 278 12.59 -18.05 0.61
C LYS B 278 13.75 -17.66 -0.32
N GLN B 279 13.43 -17.01 -1.41
CA GLN B 279 14.47 -16.63 -2.42
C GLN B 279 14.24 -15.17 -2.80
N THR B 280 15.31 -14.40 -2.98
CA THR B 280 15.25 -13.14 -3.76
C THR B 280 16.34 -13.18 -4.86
N TRP B 281 15.98 -12.67 -6.02
CA TRP B 281 16.78 -12.77 -7.26
C TRP B 281 16.30 -11.67 -8.20
N ALA B 282 17.13 -10.64 -8.40
CA ALA B 282 16.82 -9.47 -9.26
C ALA B 282 17.21 -9.77 -10.72
N ASP B 283 16.31 -9.45 -11.62
CA ASP B 283 16.65 -9.17 -13.04
C ASP B 283 17.12 -7.71 -13.10
N ILE B 284 18.41 -7.51 -13.42
CA ILE B 284 19.08 -6.17 -13.41
C ILE B 284 19.37 -5.75 -14.84
N SER B 285 18.64 -6.33 -15.79
CA SER B 285 18.59 -5.95 -17.23
C SER B 285 18.39 -4.44 -17.35
N LYS B 286 17.32 -3.97 -16.72
CA LYS B 286 16.90 -2.56 -16.79
C LYS B 286 17.97 -1.63 -16.22
N ALA B 287 18.55 -1.93 -15.05
CA ALA B 287 19.60 -1.07 -14.46
C ALA B 287 20.82 -1.04 -15.39
N SER B 288 21.11 -2.14 -16.06
CA SER B 288 22.29 -2.21 -16.98
C SER B 288 22.04 -1.25 -18.16
N THR B 289 20.85 -1.29 -18.73
CA THR B 289 20.43 -0.38 -19.83
C THR B 289 20.41 1.08 -19.37
N LEU B 290 19.65 1.40 -18.31
CA LEU B 290 19.35 2.80 -17.95
C LEU B 290 20.46 3.43 -17.09
N LEU B 291 21.18 2.65 -16.28
CA LEU B 291 22.14 3.23 -15.33
C LEU B 291 23.58 2.78 -15.64
N GLN B 292 23.80 1.91 -16.64
CA GLN B 292 25.12 1.28 -16.88
C GLN B 292 25.50 0.49 -15.63
N TYR B 293 24.51 -0.03 -14.90
CA TYR B 293 24.76 -0.73 -13.63
C TYR B 293 25.35 -2.11 -13.89
N SER B 294 26.47 -2.41 -13.21
CA SER B 294 27.08 -3.75 -13.15
C SER B 294 27.77 -3.96 -11.80
N PRO B 295 27.26 -4.84 -10.92
CA PRO B 295 27.89 -5.06 -9.63
C PRO B 295 29.24 -5.75 -9.84
N THR B 296 30.26 -5.33 -9.11
CA THR B 296 31.66 -5.77 -9.33
C THR B 296 32.23 -6.48 -8.11
N VAL B 297 31.65 -6.31 -6.91
CA VAL B 297 32.25 -6.81 -5.64
C VAL B 297 31.72 -8.23 -5.40
N SER B 298 32.62 -9.21 -5.38
CA SER B 298 32.30 -10.63 -5.11
C SER B 298 31.90 -10.76 -3.64
N LEU B 299 31.17 -11.83 -3.29
CA LEU B 299 30.81 -12.15 -1.88
C LEU B 299 32.08 -12.32 -1.05
N SER B 300 33.10 -12.98 -1.58
CA SER B 300 34.34 -13.22 -0.79
C SER B 300 34.95 -11.86 -0.40
N ASP B 301 35.03 -10.91 -1.33
CA ASP B 301 35.62 -9.59 -1.03
C ASP B 301 34.72 -8.80 -0.08
N GLY B 302 33.41 -8.79 -0.32
CA GLY B 302 32.45 -8.00 0.46
C GLY B 302 32.35 -8.46 1.90
N LEU B 303 32.21 -9.78 2.10
CA LEU B 303 32.14 -10.40 3.45
C LEU B 303 33.44 -10.11 4.22
N GLU B 304 34.61 -10.13 3.57
CA GLU B 304 35.92 -9.81 4.22
C GLU B 304 35.91 -8.36 4.70
N ALA B 305 35.47 -7.43 3.85
CA ALA B 305 35.32 -6.01 4.21
C ALA B 305 34.34 -5.85 5.39
N GLU B 306 33.19 -6.55 5.38
CA GLU B 306 32.24 -6.45 6.52
C GLU B 306 32.87 -7.09 7.77
N TYR B 307 33.50 -8.27 7.60
CA TYR B 307 34.19 -8.98 8.71
C TYR B 307 35.13 -8.00 9.42
N ASP B 308 35.98 -7.29 8.65
CA ASP B 308 36.98 -6.32 9.17
C ASP B 308 36.27 -5.19 9.92
N TYR B 309 35.16 -4.68 9.38
CA TYR B 309 34.35 -3.61 10.04
C TYR B 309 33.81 -4.13 11.38
N ILE B 310 33.21 -5.34 11.39
CA ILE B 310 32.57 -5.89 12.63
C ILE B 310 33.67 -6.10 13.69
N LYS B 311 34.81 -6.66 13.28
CA LYS B 311 35.97 -6.98 14.19
C LYS B 311 36.41 -5.67 14.86
N GLN B 312 36.52 -4.58 14.09
CA GLN B 312 36.88 -3.24 14.59
C GLN B 312 35.73 -2.62 15.41
N LEU B 313 34.47 -2.92 15.10
CA LEU B 313 33.32 -2.21 15.72
C LEU B 313 33.21 -2.60 17.20
N TYR B 314 33.45 -3.87 17.54
CA TYR B 314 33.25 -4.39 18.92
C TYR B 314 34.61 -4.45 19.63
N1 UDP C . -18.60 13.47 -10.76
C2 UDP C . -19.19 14.61 -11.38
N3 UDP C . -19.97 15.40 -10.66
C4 UDP C . -20.13 15.19 -9.35
C5 UDP C . -19.52 14.07 -8.73
C6 UDP C . -18.76 13.23 -9.46
O2 UDP C . -19.02 14.81 -12.60
O4 UDP C . -20.79 15.97 -8.65
C1' UDP C . -17.85 12.54 -11.61
C2' UDP C . -16.50 12.10 -11.09
O2' UDP C . -15.56 12.86 -11.85
C3' UDP C . -16.43 10.67 -11.58
C4' UDP C . -17.87 10.23 -11.80
O4' UDP C . -18.71 11.40 -11.67
O3' UDP C . -15.81 10.67 -12.91
C5' UDP C . -18.33 9.16 -10.90
O5' UDP C . -18.06 9.58 -9.58
PA UDP C . -18.79 8.74 -8.41
O1A UDP C . -18.50 9.59 -7.25
O2A UDP C . -20.15 8.18 -8.80
O3A UDP C . -17.91 7.41 -8.30
PB UDP C . -16.31 7.07 -8.42
O1B UDP C . -15.54 8.22 -7.89
O2B UDP C . -16.05 6.63 -9.78
O3B UDP C . -16.26 5.93 -7.41
PA NAD D . -19.67 4.36 3.53
O1A NAD D . -21.12 4.63 3.35
O2A NAD D . -18.82 5.53 3.92
O5B NAD D . -19.53 3.11 4.52
C5B NAD D . -18.34 2.72 5.21
C4B NAD D . -18.53 2.84 6.71
O4B NAD D . -17.27 2.53 7.34
C3B NAD D . -18.95 4.23 7.24
O3B NAD D . -20.34 4.22 7.62
C2B NAD D . -17.95 4.50 8.37
O2B NAD D . -18.54 5.08 9.52
C1B NAD D . -17.36 3.12 8.63
N9A NAD D . -16.04 3.14 9.22
C8A NAD D . -14.94 3.76 8.68
N7A NAD D . -13.88 3.70 9.42
C5A NAD D . -14.29 3.01 10.57
C6A NAD D . -13.62 2.64 11.77
N6A NAD D . -12.36 2.97 12.03
N1A NAD D . -14.35 2.01 12.72
C2A NAD D . -15.63 1.73 12.45
N3A NAD D . -16.37 2.04 11.38
C4A NAD D . -15.63 2.68 10.45
O3 NAD D . -19.02 3.81 2.15
PN NAD D . -19.64 2.70 1.14
O1N NAD D . -20.73 1.88 1.75
O2N NAD D . -19.90 3.44 -0.15
O5D NAD D . -18.40 1.75 0.87
C5D NAD D . -18.30 0.49 1.51
C4D NAD D . -17.02 -0.18 1.07
O4D NAD D . -17.07 -0.42 -0.35
C3D NAD D . -15.75 0.62 1.34
O3D NAD D . -14.76 -0.29 1.76
C2D NAD D . -15.43 1.25 -0.02
O2D NAD D . -14.04 1.50 -0.11
C1D NAD D . -15.90 0.11 -0.92
N1N NAD D . -16.29 0.54 -2.26
C2N NAD D . -17.44 1.27 -2.47
C3N NAD D . -17.77 1.74 -3.73
C7N NAD D . -18.97 2.61 -3.97
O7N NAD D . -19.18 2.92 -5.13
N7N NAD D . -19.71 3.01 -2.92
C4N NAD D . -16.93 1.39 -4.82
C5N NAD D . -15.81 0.62 -4.59
C6N NAD D . -15.54 0.15 -3.33
N1 UDP E . 18.75 -14.50 9.08
C2 UDP E . 19.31 -15.58 9.81
N3 UDP E . 19.87 -15.34 11.02
C4 UDP E . 19.93 -14.11 11.54
C5 UDP E . 19.38 -13.04 10.84
C6 UDP E . 18.79 -13.27 9.60
O2 UDP E . 19.24 -16.76 9.32
O4 UDP E . 20.45 -13.93 12.68
C1' UDP E . 18.17 -14.78 7.79
C2' UDP E . 16.78 -14.24 7.50
O2' UDP E . 15.75 -15.18 7.82
C3' UDP E . 16.83 -14.03 6.05
C4' UDP E . 18.29 -13.85 5.69
O4' UDP E . 19.03 -14.21 6.83
O3' UDP E . 16.35 -15.19 5.37
C5' UDP E . 18.75 -12.45 5.32
O5' UDP E . 18.28 -11.56 6.32
PA UDP E . 18.87 -10.04 6.28
O1A UDP E . 20.30 -10.03 5.94
O2A UDP E . 18.37 -9.39 7.53
O3A UDP E . 18.16 -9.41 4.99
PB UDP E . 16.66 -9.39 4.43
O1B UDP E . 16.64 -7.87 4.01
O2B UDP E . 16.67 -10.30 3.28
O3B UDP E . 15.69 -9.58 5.55
PA NAD F . 18.48 2.44 8.47
O1A NAD F . 19.92 2.19 8.74
O2A NAD F . 17.48 2.24 9.55
O5B NAD F . 18.38 3.93 7.91
C5B NAD F . 17.12 4.57 7.75
C4B NAD F . 17.14 5.87 8.50
O4B NAD F . 15.87 6.55 8.35
C3B NAD F . 17.36 5.74 10.02
O3B NAD F . 18.65 6.26 10.34
C2B NAD F . 16.19 6.50 10.64
O2B NAD F . 16.54 7.22 11.79
C1B NAD F . 15.70 7.37 9.48
N9A NAD F . 14.30 7.77 9.58
C8A NAD F . 13.22 6.93 9.68
N7A NAD F . 12.07 7.58 9.82
C5A NAD F . 12.43 8.92 9.81
C6A NAD F . 11.68 10.09 9.93
N6A NAD F . 10.36 10.12 10.16
N1A NAD F . 12.35 11.27 9.87
C2A NAD F . 13.69 11.24 9.69
N3A NAD F . 14.49 10.20 9.58
C4A NAD F . 13.79 9.04 9.65
O3 NAD F . 18.11 1.57 7.19
PN NAD F . 18.95 1.20 5.88
O1N NAD F . 20.05 2.19 5.64
O2N NAD F . 19.30 -0.25 5.94
O5D NAD F . 17.83 1.37 4.73
C5D NAD F . 17.77 2.57 3.98
C4D NAD F . 16.65 2.42 2.98
O4D NAD F . 16.91 1.30 2.14
C3D NAD F . 15.26 2.18 3.55
O3D NAD F . 14.29 2.88 2.79
C2D NAD F . 15.04 0.69 3.34
O2D NAD F . 13.66 0.36 3.27
C1D NAD F . 15.79 0.49 2.04
N1N NAD F . 16.29 -0.90 1.81
C2N NAD F . 17.33 -1.38 2.58
C3N NAD F . 17.81 -2.68 2.39
C7N NAD F . 18.95 -3.22 3.24
O7N NAD F . 19.33 -4.36 3.00
N7N NAD F . 19.56 -2.45 4.12
C4N NAD F . 17.23 -3.47 1.37
C5N NAD F . 16.17 -2.99 0.62
C6N NAD F . 15.75 -1.68 0.81
#